data_3B83
#
_entry.id   3B83
#
_cell.length_a   126.329
_cell.length_b   126.329
_cell.length_c   134.661
_cell.angle_alpha   90.00
_cell.angle_beta   90.00
_cell.angle_gamma   90.00
#
_symmetry.space_group_name_H-M   'P 4 21 2'
#
loop_
_entity.id
_entity.type
_entity.pdbx_description
1 polymer TEN-D3
2 water water
#
_entity_poly.entity_id   1
_entity_poly.type   'polypeptide(L)'
_entity_poly.pdbx_seq_one_letter_code
;MLQPPFNIKVTNITLTTAVVTWQPPILPIEGILVTFGRKNDPSDETTVDLTSSITSLTLTNLEPNTTYEIRIVARNGQQY
SPPVSTTFTTGSLEHHHHHH
;
_entity_poly.pdbx_strand_id   A,B,C,D,E,F,G,H
#
# COMPACT_ATOMS: atom_id res chain seq x y z
N MET A 1 21.46 -12.87 36.53
CA MET A 1 21.62 -14.31 36.19
C MET A 1 20.64 -14.76 35.09
N LEU A 2 19.79 -13.84 34.65
CA LEU A 2 18.84 -14.15 33.57
C LEU A 2 19.10 -13.23 32.38
N GLN A 3 19.04 -13.80 31.19
CA GLN A 3 19.26 -13.06 29.94
C GLN A 3 18.35 -11.83 29.82
N PRO A 4 18.93 -10.65 29.52
CA PRO A 4 18.18 -9.39 29.37
C PRO A 4 17.81 -8.99 27.94
N PRO A 5 16.89 -8.00 27.79
CA PRO A 5 16.52 -7.55 26.44
C PRO A 5 17.52 -6.43 26.14
N PHE A 6 17.35 -5.72 25.05
CA PHE A 6 18.27 -4.62 24.75
C PHE A 6 17.89 -3.89 23.48
N ASN A 7 18.67 -2.86 23.16
CA ASN A 7 18.46 -2.05 21.98
C ASN A 7 17.07 -1.43 21.95
N ILE A 8 16.59 -0.94 23.09
CA ILE A 8 15.28 -0.31 23.12
C ILE A 8 15.34 1.01 22.37
N LYS A 9 14.45 1.19 21.40
CA LYS A 9 14.40 2.43 20.64
C LYS A 9 12.99 3.02 20.66
N VAL A 10 12.89 4.34 20.69
CA VAL A 10 11.60 5.00 20.70
C VAL A 10 11.52 5.89 19.46
N THR A 11 10.61 5.57 18.55
CA THR A 11 10.47 6.35 17.33
C THR A 11 9.07 6.93 17.12
N ASN A 12 8.92 7.69 16.02
CA ASN A 12 7.65 8.29 15.68
C ASN A 12 6.98 9.01 16.84
N ILE A 13 7.78 9.70 17.64
CA ILE A 13 7.28 10.45 18.79
C ILE A 13 6.44 11.66 18.35
N THR A 14 5.21 11.75 18.86
CA THR A 14 4.33 12.86 18.52
C THR A 14 4.01 13.59 19.82
N LEU A 15 2.91 14.34 19.84
CA LEU A 15 2.52 15.07 21.05
C LEU A 15 2.06 14.14 22.17
N THR A 16 1.40 13.04 21.80
CA THR A 16 0.86 12.12 22.79
C THR A 16 1.06 10.65 22.41
N THR A 17 1.88 10.42 21.39
CA THR A 17 2.13 9.08 20.85
C THR A 17 3.61 8.75 20.75
N ALA A 18 3.95 7.47 20.82
CA ALA A 18 5.32 7.02 20.72
C ALA A 18 5.39 5.53 20.42
N VAL A 19 6.30 5.17 19.54
CA VAL A 19 6.49 3.79 19.16
C VAL A 19 7.72 3.25 19.89
N VAL A 20 7.54 2.15 20.62
CA VAL A 20 8.64 1.55 21.39
C VAL A 20 9.02 0.21 20.77
N THR A 21 10.32 -0.03 20.64
CA THR A 21 10.78 -1.27 20.01
C THR A 21 12.00 -1.82 20.71
N TRP A 22 12.12 -3.13 20.77
CA TRP A 22 13.26 -3.74 21.43
C TRP A 22 13.66 -5.08 20.83
N GLN A 23 14.78 -5.60 21.32
CA GLN A 23 15.34 -6.87 20.89
C GLN A 23 15.21 -7.92 21.99
N PRO A 24 14.51 -9.03 21.72
CA PRO A 24 14.35 -10.06 22.75
C PRO A 24 15.72 -10.66 23.12
N PRO A 25 15.83 -11.22 24.33
CA PRO A 25 17.05 -11.84 24.85
C PRO A 25 17.60 -12.94 23.94
N ILE A 26 18.88 -13.23 24.09
CA ILE A 26 19.54 -14.27 23.32
C ILE A 26 19.00 -15.65 23.71
N LEU A 27 18.81 -15.88 25.01
CA LEU A 27 18.27 -17.15 25.48
C LEU A 27 16.75 -17.03 25.61
N PRO A 28 16.02 -18.13 25.38
CA PRO A 28 14.57 -18.12 25.47
C PRO A 28 14.11 -17.72 26.87
N ILE A 29 12.94 -17.10 26.93
CA ILE A 29 12.40 -16.65 28.19
C ILE A 29 10.90 -16.90 28.14
N GLU A 30 10.25 -16.78 29.29
CA GLU A 30 8.81 -17.01 29.35
C GLU A 30 7.99 -15.74 29.14
N GLY A 31 8.53 -14.59 29.55
CA GLY A 31 7.81 -13.35 29.39
C GLY A 31 8.71 -12.13 29.43
N ILE A 32 8.13 -10.98 29.12
CA ILE A 32 8.85 -9.71 29.11
C ILE A 32 8.00 -8.61 29.71
N LEU A 33 8.47 -8.03 30.80
CA LEU A 33 7.75 -6.95 31.47
C LEU A 33 8.14 -5.58 30.92
N VAL A 34 7.18 -4.87 30.35
CA VAL A 34 7.44 -3.53 29.81
C VAL A 34 6.72 -2.51 30.67
N THR A 35 7.49 -1.66 31.32
CA THR A 35 6.96 -0.63 32.23
C THR A 35 7.20 0.76 31.68
N PHE A 36 6.23 1.65 31.89
CA PHE A 36 6.37 3.02 31.41
C PHE A 36 5.56 4.00 32.27
N GLY A 37 5.99 5.27 32.24
CA GLY A 37 5.35 6.32 32.99
C GLY A 37 6.25 7.54 32.98
N ARG A 38 5.80 8.65 33.55
CA ARG A 38 6.64 9.84 33.59
C ARG A 38 7.90 9.49 34.37
N LYS A 39 9.05 10.02 33.94
CA LYS A 39 10.31 9.75 34.60
C LYS A 39 10.36 10.42 35.96
N ASN A 40 9.81 11.63 36.01
CA ASN A 40 9.74 12.42 37.24
C ASN A 40 8.98 11.66 38.34
N ASP A 41 7.87 11.04 37.94
CA ASP A 41 6.99 10.33 38.86
C ASP A 41 7.23 8.82 39.04
N PRO A 42 7.78 8.43 40.20
CA PRO A 42 8.08 7.04 40.54
C PRO A 42 6.80 6.26 40.79
N SER A 43 5.69 6.99 40.91
CA SER A 43 4.40 6.39 41.16
C SER A 43 3.44 6.39 39.98
N ASP A 44 3.93 6.74 38.80
CA ASP A 44 3.05 6.76 37.62
C ASP A 44 3.01 5.40 36.92
N GLU A 45 4.17 4.77 36.77
CA GLU A 45 4.33 3.46 36.13
C GLU A 45 3.12 2.56 35.76
N THR A 46 3.20 1.94 34.57
CA THR A 46 2.19 1.02 34.06
C THR A 46 2.96 -0.16 33.47
N THR A 47 2.56 -1.39 33.79
CA THR A 47 3.27 -2.54 33.30
C THR A 47 2.40 -3.55 32.57
N VAL A 48 2.92 -4.08 31.47
CA VAL A 48 2.22 -5.12 30.73
C VAL A 48 3.19 -6.28 30.59
N ASP A 49 2.66 -7.50 30.62
CA ASP A 49 3.49 -8.69 30.49
C ASP A 49 3.33 -9.23 29.08
N LEU A 50 4.41 -9.29 28.32
CA LEU A 50 4.34 -9.76 26.93
C LEU A 50 5.22 -11.00 26.72
N THR A 51 5.25 -11.47 25.47
CA THR A 51 6.07 -12.61 25.10
C THR A 51 7.13 -12.07 24.16
N SER A 52 8.16 -12.86 23.89
CA SER A 52 9.23 -12.45 22.99
C SER A 52 8.76 -12.37 21.53
N SER A 53 7.60 -12.93 21.25
CA SER A 53 7.05 -12.90 19.90
C SER A 53 6.54 -11.52 19.55
N ILE A 54 6.53 -10.62 20.53
CA ILE A 54 6.09 -9.25 20.32
C ILE A 54 7.29 -8.35 20.57
N THR A 55 7.62 -7.50 19.61
CA THR A 55 8.78 -6.65 19.81
C THR A 55 8.54 -5.17 19.67
N SER A 56 7.29 -4.75 19.59
CA SER A 56 7.01 -3.33 19.48
C SER A 56 5.63 -2.94 19.97
N LEU A 57 5.52 -1.75 20.57
CA LEU A 57 4.26 -1.21 21.08
C LEU A 57 4.09 0.25 20.70
N THR A 58 2.85 0.69 20.55
CA THR A 58 2.59 2.09 20.25
C THR A 58 1.82 2.63 21.46
N LEU A 59 2.42 3.59 22.17
CA LEU A 59 1.80 4.20 23.33
C LEU A 59 1.01 5.43 22.93
N THR A 60 -0.17 5.61 23.52
CA THR A 60 -0.97 6.79 23.21
C THR A 60 -1.47 7.48 24.48
N ASN A 61 -2.19 8.59 24.29
CA ASN A 61 -2.76 9.33 25.39
C ASN A 61 -1.69 9.90 26.31
N LEU A 62 -0.49 10.15 25.79
CA LEU A 62 0.58 10.70 26.62
C LEU A 62 0.37 12.22 26.73
N GLU A 63 1.11 12.87 27.61
CA GLU A 63 0.97 14.30 27.75
C GLU A 63 2.07 14.98 26.95
N PRO A 64 1.79 16.17 26.42
CA PRO A 64 2.74 16.95 25.61
C PRO A 64 3.97 17.39 26.40
N ASN A 65 5.07 17.56 25.66
CA ASN A 65 6.34 18.00 26.24
C ASN A 65 6.62 17.39 27.62
N THR A 66 6.54 16.07 27.70
CA THR A 66 6.79 15.37 28.94
C THR A 66 7.84 14.29 28.71
N THR A 67 8.59 14.00 29.78
CA THR A 67 9.66 13.03 29.72
C THR A 67 9.22 11.72 30.34
N TYR A 68 9.27 10.68 29.54
CA TYR A 68 8.87 9.35 29.98
C TYR A 68 10.03 8.38 30.02
N GLU A 69 9.91 7.35 30.86
CA GLU A 69 10.93 6.33 30.93
C GLU A 69 10.32 4.97 30.70
N ILE A 70 11.05 4.13 29.99
CA ILE A 70 10.61 2.78 29.70
C ILE A 70 11.64 1.82 30.29
N ARG A 71 11.13 0.78 30.96
CA ARG A 71 11.96 -0.24 31.57
C ARG A 71 11.47 -1.59 31.09
N ILE A 72 12.40 -2.46 30.71
CA ILE A 72 12.01 -3.79 30.24
C ILE A 72 12.72 -4.84 31.06
N VAL A 73 11.98 -5.84 31.51
CA VAL A 73 12.56 -6.92 32.30
C VAL A 73 12.12 -8.25 31.75
N ALA A 74 13.06 -9.15 31.51
CA ALA A 74 12.72 -10.46 30.99
C ALA A 74 12.55 -11.42 32.17
N ARG A 75 11.55 -12.31 32.10
CA ARG A 75 11.32 -13.27 33.19
C ARG A 75 11.31 -14.72 32.71
N ASN A 76 11.82 -15.61 33.54
CA ASN A 76 11.85 -17.04 33.24
C ASN A 76 11.82 -17.73 34.58
N GLY A 77 10.74 -18.45 34.85
CA GLY A 77 10.61 -19.11 36.15
C GLY A 77 10.48 -17.96 37.14
N GLN A 78 11.26 -17.99 38.21
CA GLN A 78 11.20 -16.92 39.22
C GLN A 78 12.39 -15.98 39.10
N GLN A 79 13.05 -16.01 37.94
CA GLN A 79 14.22 -15.18 37.70
C GLN A 79 13.86 -13.99 36.82
N TYR A 80 14.43 -12.83 37.13
CA TYR A 80 14.17 -11.61 36.38
C TYR A 80 15.47 -10.91 36.01
N SER A 81 15.66 -10.64 34.72
CA SER A 81 16.88 -9.98 34.25
C SER A 81 17.01 -8.58 34.82
N PRO A 82 18.23 -8.04 34.84
CA PRO A 82 18.38 -6.67 35.36
C PRO A 82 17.69 -5.73 34.37
N PRO A 83 16.87 -4.80 34.88
CA PRO A 83 16.15 -3.84 34.04
C PRO A 83 16.97 -3.06 33.02
N VAL A 84 16.40 -2.87 31.82
CA VAL A 84 17.04 -2.09 30.77
C VAL A 84 16.19 -0.86 30.54
N SER A 85 16.83 0.29 30.42
CA SER A 85 16.07 1.52 30.27
C SER A 85 16.43 2.49 29.17
N THR A 86 15.52 3.44 28.99
CA THR A 86 15.69 4.50 28.02
C THR A 86 14.59 5.50 28.32
N THR A 87 14.83 6.76 27.97
CA THR A 87 13.83 7.77 28.23
C THR A 87 13.63 8.54 26.95
N PHE A 88 12.49 9.22 26.85
CA PHE A 88 12.20 10.00 25.67
C PHE A 88 11.25 11.10 26.08
N THR A 89 11.10 12.10 25.23
CA THR A 89 10.24 13.23 25.52
C THR A 89 9.27 13.54 24.39
N THR A 90 7.99 13.56 24.72
CA THR A 90 6.95 13.85 23.73
C THR A 90 7.08 15.29 23.27
N GLY A 91 6.69 15.53 22.01
CA GLY A 91 6.76 16.86 21.42
C GLY A 91 6.02 17.92 22.21
N SER A 92 6.27 19.19 21.88
CA SER A 92 5.64 20.30 22.58
C SER A 92 4.58 21.00 21.72
N LEU A 93 3.61 21.62 22.39
CA LEU A 93 2.54 22.35 21.71
C LEU A 93 3.08 23.61 21.05
N GLU A 94 2.67 23.85 19.81
CA GLU A 94 3.10 25.03 19.06
C GLU A 94 2.49 26.32 19.62
N HIS A 95 1.18 26.47 19.49
CA HIS A 95 0.48 27.66 19.98
C HIS A 95 0.79 27.95 21.45
N LEU B 2 17.06 -15.20 19.24
CA LEU B 2 17.92 -15.25 18.02
C LEU B 2 18.20 -13.81 17.57
N GLN B 3 19.48 -13.41 17.62
CA GLN B 3 19.89 -12.04 17.26
C GLN B 3 19.96 -11.73 15.77
N PRO B 4 19.46 -10.55 15.38
CA PRO B 4 19.44 -10.09 13.99
C PRO B 4 20.75 -9.39 13.59
N PRO B 5 20.92 -9.11 12.29
CA PRO B 5 22.15 -8.43 11.86
C PRO B 5 22.00 -6.99 12.34
N PHE B 6 23.05 -6.19 12.20
CA PHE B 6 22.92 -4.80 12.59
C PHE B 6 23.78 -3.94 11.68
N ASN B 7 23.86 -2.65 11.99
CA ASN B 7 24.62 -1.72 11.19
C ASN B 7 24.34 -1.84 9.70
N ILE B 8 23.08 -2.07 9.31
CA ILE B 8 22.78 -2.15 7.89
C ILE B 8 23.19 -0.82 7.27
N LYS B 9 23.92 -0.89 6.16
CA LYS B 9 24.39 0.31 5.48
C LYS B 9 24.14 0.25 3.99
N VAL B 10 23.59 1.33 3.43
CA VAL B 10 23.36 1.42 2.00
C VAL B 10 24.41 2.41 1.52
N THR B 11 25.32 1.90 0.70
CA THR B 11 26.46 2.65 0.22
C THR B 11 26.49 2.81 -1.30
N ASN B 12 27.39 3.65 -1.81
CA ASN B 12 27.51 3.89 -3.25
C ASN B 12 26.19 4.00 -4.00
N ILE B 13 25.36 4.96 -3.58
CA ILE B 13 24.07 5.14 -4.23
C ILE B 13 24.24 5.97 -5.50
N THR B 14 23.67 5.47 -6.60
CA THR B 14 23.71 6.15 -7.89
C THR B 14 22.29 6.37 -8.35
N LEU B 15 22.11 6.61 -9.64
CA LEU B 15 20.79 6.84 -10.20
C LEU B 15 19.95 5.57 -10.20
N THR B 16 20.59 4.43 -10.43
CA THR B 16 19.85 3.18 -10.51
C THR B 16 20.41 1.97 -9.75
N THR B 17 21.42 2.20 -8.92
CA THR B 17 22.03 1.11 -8.17
C THR B 17 22.39 1.53 -6.77
N ALA B 18 22.63 0.55 -5.90
CA ALA B 18 23.01 0.82 -4.52
C ALA B 18 23.69 -0.41 -3.93
N VAL B 19 24.64 -0.20 -3.01
CA VAL B 19 25.33 -1.30 -2.39
C VAL B 19 24.80 -1.49 -0.95
N VAL B 20 24.40 -2.71 -0.63
CA VAL B 20 23.84 -3.03 0.68
C VAL B 20 24.77 -3.96 1.46
N THR B 21 25.17 -3.54 2.65
CA THR B 21 26.04 -4.35 3.47
C THR B 21 25.50 -4.36 4.92
N TRP B 22 25.84 -5.40 5.67
CA TRP B 22 25.37 -5.56 7.04
C TRP B 22 26.34 -6.42 7.84
N GLN B 23 26.37 -6.23 9.17
CA GLN B 23 27.24 -7.01 10.05
C GLN B 23 26.45 -8.17 10.65
N PRO B 24 26.83 -9.42 10.34
CA PRO B 24 26.11 -10.57 10.88
C PRO B 24 26.10 -10.56 12.41
N PRO B 25 25.07 -11.19 13.01
CA PRO B 25 24.83 -11.32 14.44
C PRO B 25 25.98 -11.83 15.28
N ILE B 26 25.80 -11.72 16.59
CA ILE B 26 26.74 -12.16 17.61
C ILE B 26 26.71 -13.71 17.67
N LEU B 27 25.52 -14.26 17.45
CA LEU B 27 25.30 -15.70 17.45
C LEU B 27 25.22 -16.22 16.02
N PRO B 28 25.69 -17.45 15.78
CA PRO B 28 25.69 -18.10 14.47
C PRO B 28 24.25 -18.23 13.95
N ILE B 29 24.07 -18.12 12.63
CA ILE B 29 22.74 -18.26 12.03
C ILE B 29 22.81 -19.05 10.72
N GLU B 30 21.91 -20.01 10.57
CA GLU B 30 21.83 -20.87 9.39
C GLU B 30 21.39 -20.17 8.11
N GLY B 31 21.02 -18.90 8.20
CA GLY B 31 20.56 -18.20 7.02
C GLY B 31 20.01 -16.80 7.23
N ILE B 32 19.85 -16.07 6.12
CA ILE B 32 19.36 -14.72 6.18
C ILE B 32 18.42 -14.39 5.02
N LEU B 33 17.35 -13.66 5.31
CA LEU B 33 16.37 -13.26 4.31
C LEU B 33 16.45 -11.75 4.12
N VAL B 34 16.62 -11.33 2.87
CA VAL B 34 16.73 -9.91 2.54
C VAL B 34 15.58 -9.48 1.65
N THR B 35 14.91 -8.41 2.03
CA THR B 35 13.79 -7.91 1.25
C THR B 35 14.01 -6.45 0.89
N PHE B 36 13.61 -6.06 -0.32
CA PHE B 36 13.76 -4.69 -0.76
C PHE B 36 12.70 -4.33 -1.79
N GLY B 37 12.41 -3.03 -1.87
CA GLY B 37 11.42 -2.52 -2.80
C GLY B 37 11.06 -1.09 -2.45
N ARG B 38 10.27 -0.44 -3.30
CA ARG B 38 9.83 0.92 -3.03
C ARG B 38 9.16 0.97 -1.66
N LYS B 39 9.58 1.90 -0.82
CA LYS B 39 9.02 2.03 0.52
C LYS B 39 7.50 2.16 0.53
N ASN B 40 6.97 3.00 -0.36
CA ASN B 40 5.53 3.20 -0.46
C ASN B 40 4.91 2.29 -1.52
N ASP B 41 4.91 0.98 -1.24
CA ASP B 41 4.35 0.00 -2.17
C ASP B 41 4.56 -1.40 -1.63
N PRO B 42 3.46 -2.16 -1.46
CA PRO B 42 3.55 -3.53 -0.94
C PRO B 42 3.63 -4.56 -2.09
N SER B 43 3.02 -4.21 -3.22
CA SER B 43 3.00 -5.08 -4.40
C SER B 43 4.41 -5.26 -4.95
N ASP B 44 5.14 -4.14 -5.01
CA ASP B 44 6.51 -4.15 -5.48
C ASP B 44 7.40 -4.44 -4.30
N GLU B 45 7.84 -5.69 -4.20
CA GLU B 45 8.69 -6.11 -3.10
C GLU B 45 9.27 -7.47 -3.44
N THR B 46 10.58 -7.60 -3.30
CA THR B 46 11.22 -8.86 -3.61
C THR B 46 12.12 -9.35 -2.48
N THR B 47 12.19 -10.67 -2.31
CA THR B 47 13.00 -11.24 -1.25
C THR B 47 13.91 -12.37 -1.73
N VAL B 48 15.12 -12.46 -1.15
CA VAL B 48 16.04 -13.54 -1.50
C VAL B 48 16.54 -14.15 -0.21
N ASP B 49 16.72 -15.47 -0.20
CA ASP B 49 17.22 -16.17 0.98
C ASP B 49 18.70 -16.47 0.73
N LEU B 50 19.56 -16.11 1.68
CA LEU B 50 20.99 -16.27 1.53
C LEU B 50 21.65 -17.01 2.68
N THR B 51 22.90 -17.42 2.47
CA THR B 51 23.68 -18.06 3.51
C THR B 51 24.20 -16.91 4.35
N SER B 52 24.29 -17.11 5.67
CA SER B 52 24.76 -16.06 6.54
C SER B 52 26.19 -15.62 6.21
N SER B 53 26.91 -16.42 5.40
CA SER B 53 28.28 -16.08 5.05
C SER B 53 28.34 -14.92 4.06
N ILE B 54 27.22 -14.58 3.44
CA ILE B 54 27.18 -13.45 2.52
C ILE B 54 26.82 -12.21 3.32
N THR B 55 27.63 -11.16 3.16
CA THR B 55 27.44 -9.92 3.89
C THR B 55 27.16 -8.66 3.08
N SER B 56 27.21 -8.75 1.76
CA SER B 56 26.96 -7.57 0.95
C SER B 56 26.32 -7.98 -0.35
N LEU B 57 25.56 -7.07 -0.92
CA LEU B 57 24.85 -7.35 -2.15
C LEU B 57 24.64 -6.03 -2.89
N THR B 58 24.73 -6.06 -4.21
CA THR B 58 24.55 -4.84 -4.99
C THR B 58 23.27 -4.89 -5.79
N LEU B 59 22.43 -3.88 -5.63
CA LEU B 59 21.16 -3.79 -6.34
C LEU B 59 21.28 -2.94 -7.59
N THR B 60 20.67 -3.40 -8.66
CA THR B 60 20.71 -2.72 -9.95
C THR B 60 19.28 -2.52 -10.47
N ASN B 61 19.13 -1.72 -11.53
CA ASN B 61 17.84 -1.48 -12.19
C ASN B 61 16.82 -0.77 -11.29
N LEU B 62 17.31 0.00 -10.33
CA LEU B 62 16.41 0.73 -9.46
C LEU B 62 15.84 1.93 -10.19
N GLU B 63 14.79 2.54 -9.65
CA GLU B 63 14.20 3.71 -10.28
C GLU B 63 14.89 4.92 -9.70
N PRO B 64 15.18 5.91 -10.56
CA PRO B 64 15.85 7.15 -10.15
C PRO B 64 15.06 7.95 -9.11
N ASN B 65 15.79 8.69 -8.29
CA ASN B 65 15.19 9.52 -7.27
C ASN B 65 13.99 8.84 -6.63
N THR B 66 14.18 7.61 -6.15
CA THR B 66 13.11 6.85 -5.50
C THR B 66 13.58 6.31 -4.16
N THR B 67 12.68 6.29 -3.18
CA THR B 67 13.01 5.79 -1.86
C THR B 67 12.69 4.31 -1.70
N TYR B 68 13.68 3.57 -1.24
CA TYR B 68 13.56 2.14 -1.07
C TYR B 68 13.76 1.72 0.38
N GLU B 69 13.17 0.59 0.74
CA GLU B 69 13.33 0.07 2.10
C GLU B 69 13.92 -1.33 1.99
N ILE B 70 14.83 -1.65 2.91
CA ILE B 70 15.46 -2.95 2.92
C ILE B 70 15.28 -3.55 4.30
N ARG B 71 14.77 -4.78 4.33
CA ARG B 71 14.55 -5.51 5.57
C ARG B 71 15.39 -6.78 5.53
N ILE B 72 15.96 -7.14 6.67
CA ILE B 72 16.77 -8.34 6.77
C ILE B 72 16.39 -9.10 8.03
N VAL B 73 16.23 -10.41 7.89
CA VAL B 73 15.87 -11.25 9.01
C VAL B 73 16.73 -12.52 9.06
N ALA B 74 17.18 -12.89 10.25
CA ALA B 74 18.01 -14.07 10.43
C ALA B 74 17.13 -15.29 10.75
N ARG B 75 17.60 -16.47 10.38
CA ARG B 75 16.83 -17.69 10.67
C ARG B 75 17.67 -18.92 10.94
N ASN B 76 17.03 -19.88 11.60
CA ASN B 76 17.61 -21.15 11.94
C ASN B 76 16.54 -22.19 11.61
N GLY B 77 16.07 -22.14 10.37
CA GLY B 77 15.03 -23.06 9.92
C GLY B 77 13.65 -22.71 10.42
N GLN B 78 13.45 -22.81 11.73
CA GLN B 78 12.15 -22.51 12.33
C GLN B 78 12.09 -21.19 13.07
N GLN B 79 13.20 -20.79 13.67
CA GLN B 79 13.23 -19.54 14.41
C GLN B 79 13.77 -18.37 13.60
N TYR B 80 13.08 -17.25 13.68
CA TYR B 80 13.51 -16.06 12.98
C TYR B 80 13.76 -15.00 14.04
N SER B 81 14.33 -13.90 13.60
CA SER B 81 14.65 -12.80 14.49
C SER B 81 13.83 -11.63 14.04
N PRO B 82 13.64 -10.63 14.92
CA PRO B 82 12.87 -9.48 14.45
C PRO B 82 13.70 -8.89 13.29
N PRO B 83 13.07 -8.09 12.43
CA PRO B 83 13.81 -7.51 11.30
C PRO B 83 14.71 -6.34 11.66
N VAL B 84 15.60 -6.00 10.73
CA VAL B 84 16.49 -4.86 10.86
C VAL B 84 16.19 -4.12 9.59
N SER B 85 15.96 -2.81 9.70
CA SER B 85 15.59 -2.03 8.55
C SER B 85 16.39 -0.75 8.30
N THR B 86 16.38 -0.34 7.05
CA THR B 86 17.04 0.89 6.63
C THR B 86 16.33 1.33 5.37
N THR B 87 16.39 2.62 5.07
CA THR B 87 15.74 3.13 3.88
C THR B 87 16.73 4.06 3.21
N PHE B 88 16.63 4.20 1.89
CA PHE B 88 17.54 5.07 1.16
C PHE B 88 16.84 5.61 -0.08
N THR B 89 17.45 6.59 -0.72
CA THR B 89 16.90 7.20 -1.92
C THR B 89 17.97 7.22 -3.03
N THR B 90 17.55 6.93 -4.26
CA THR B 90 18.48 6.92 -5.38
C THR B 90 18.68 8.33 -5.95
N GLY B 91 19.79 8.54 -6.65
CA GLY B 91 20.08 9.83 -7.24
C GLY B 91 18.98 10.30 -8.17
N SER B 92 19.02 11.57 -8.55
CA SER B 92 17.98 12.15 -9.42
C SER B 92 18.43 12.87 -10.68
N LEU B 93 19.36 13.81 -10.51
CA LEU B 93 19.91 14.66 -11.58
C LEU B 93 19.35 16.08 -11.55
N MET C 1 -4.56 20.23 28.03
CA MET C 1 -5.09 20.32 26.63
C MET C 1 -5.93 19.10 26.29
N LEU C 2 -6.92 19.28 25.42
CA LEU C 2 -7.76 18.16 25.01
C LEU C 2 -6.90 17.21 24.17
N GLN C 3 -7.05 15.91 24.41
CA GLN C 3 -6.31 14.90 23.65
C GLN C 3 -6.71 14.94 22.17
N PRO C 4 -5.73 14.93 21.26
CA PRO C 4 -6.02 14.96 19.83
C PRO C 4 -6.22 13.62 19.15
N PRO C 5 -6.63 13.67 17.87
CA PRO C 5 -6.83 12.45 17.08
C PRO C 5 -5.39 12.09 16.73
N PHE C 6 -5.12 10.83 16.40
CA PHE C 6 -3.76 10.46 16.06
C PHE C 6 -3.72 9.39 14.96
N ASN C 7 -2.53 9.07 14.50
CA ASN C 7 -2.31 8.10 13.44
C ASN C 7 -3.17 8.40 12.23
N ILE C 8 -3.09 9.62 11.71
CA ILE C 8 -3.87 10.00 10.51
C ILE C 8 -3.25 9.28 9.31
N LYS C 9 -4.08 8.81 8.39
CA LYS C 9 -3.60 8.10 7.21
C LYS C 9 -4.38 8.45 5.97
N VAL C 10 -3.69 8.78 4.88
CA VAL C 10 -4.37 9.08 3.63
C VAL C 10 -4.05 7.92 2.70
N THR C 11 -5.09 7.19 2.32
CA THR C 11 -4.91 6.00 1.51
C THR C 11 -5.71 6.02 0.19
N ASN C 12 -5.42 5.06 -0.69
CA ASN C 12 -6.11 4.93 -1.98
C ASN C 12 -6.15 6.24 -2.77
N ILE C 13 -5.00 6.89 -2.86
CA ILE C 13 -4.89 8.14 -3.59
C ILE C 13 -4.93 7.94 -5.10
N THR C 14 -5.91 8.56 -5.74
CA THR C 14 -6.09 8.48 -7.18
C THR C 14 -5.85 9.86 -7.80
N LEU C 15 -6.28 10.03 -9.04
CA LEU C 15 -6.12 11.29 -9.71
C LEU C 15 -6.96 12.38 -9.06
N THR C 16 -8.15 12.03 -8.61
CA THR C 16 -9.01 13.04 -8.02
C THR C 16 -9.66 12.71 -6.67
N THR C 17 -9.23 11.62 -6.04
CA THR C 17 -9.82 11.24 -4.75
C THR C 17 -8.81 10.72 -3.75
N ALA C 18 -9.23 10.63 -2.49
CA ALA C 18 -8.39 10.13 -1.43
C ALA C 18 -9.24 9.65 -0.25
N VAL C 19 -8.72 8.67 0.49
CA VAL C 19 -9.39 8.12 1.66
C VAL C 19 -8.61 8.53 2.90
N VAL C 20 -9.28 9.24 3.81
CA VAL C 20 -8.66 9.72 5.04
C VAL C 20 -9.24 8.96 6.21
N THR C 21 -8.37 8.46 7.06
CA THR C 21 -8.80 7.74 8.25
C THR C 21 -7.93 8.22 9.40
N TRP C 22 -8.44 8.10 10.62
CA TRP C 22 -7.69 8.53 11.80
C TRP C 22 -8.23 7.82 13.02
N GLN C 23 -7.58 8.00 14.15
CA GLN C 23 -8.04 7.39 15.38
C GLN C 23 -8.47 8.46 16.37
N PRO C 24 -9.70 8.38 16.87
CA PRO C 24 -10.12 9.42 17.83
C PRO C 24 -9.41 9.20 19.17
N PRO C 25 -9.45 10.22 20.06
CA PRO C 25 -8.81 10.16 21.38
C PRO C 25 -9.44 9.07 22.26
N ILE C 26 -8.78 8.78 23.38
CA ILE C 26 -9.27 7.77 24.31
C ILE C 26 -10.50 8.29 25.07
N LEU C 27 -10.50 9.58 25.37
CA LEU C 27 -11.60 10.20 26.08
C LEU C 27 -12.81 10.57 25.21
N PRO C 28 -14.01 10.55 25.80
CA PRO C 28 -15.22 10.91 25.05
C PRO C 28 -15.06 12.35 24.57
N ILE C 29 -15.49 12.62 23.34
CA ILE C 29 -15.41 13.96 22.78
C ILE C 29 -16.71 14.18 22.03
N GLU C 30 -17.09 15.44 21.82
CA GLU C 30 -18.36 15.71 21.14
C GLU C 30 -18.27 15.89 19.65
N GLY C 31 -17.06 16.03 19.13
CA GLY C 31 -16.92 16.21 17.70
C GLY C 31 -15.52 16.13 17.17
N ILE C 32 -15.46 16.02 15.84
CA ILE C 32 -14.22 15.95 15.09
C ILE C 32 -14.38 16.97 13.98
N LEU C 33 -13.31 17.71 13.70
CA LEU C 33 -13.33 18.69 12.63
C LEU C 33 -12.21 18.35 11.68
N VAL C 34 -12.58 18.04 10.44
CA VAL C 34 -11.62 17.69 9.39
C VAL C 34 -11.51 18.84 8.41
N THR C 35 -10.30 19.38 8.27
CA THR C 35 -10.04 20.49 7.37
C THR C 35 -9.05 20.11 6.28
N PHE C 36 -9.41 20.37 5.04
CA PHE C 36 -8.56 20.02 3.91
C PHE C 36 -8.59 21.06 2.79
N GLY C 37 -7.52 21.08 2.00
CA GLY C 37 -7.40 22.01 0.90
C GLY C 37 -5.97 22.03 0.40
N ARG C 38 -5.74 22.74 -0.71
CA ARG C 38 -4.42 22.87 -1.30
C ARG C 38 -3.45 23.29 -0.21
N LYS C 39 -2.26 22.68 -0.19
CA LYS C 39 -1.27 23.01 0.84
C LYS C 39 -0.81 24.46 0.77
N ASN C 40 -0.08 24.79 -0.28
CA ASN C 40 0.44 26.14 -0.47
C ASN C 40 -0.66 27.04 -1.02
N ASP C 41 -1.79 27.09 -0.31
CA ASP C 41 -2.94 27.90 -0.70
C ASP C 41 -3.88 28.02 0.50
N PRO C 42 -3.78 29.12 1.26
CA PRO C 42 -4.64 29.33 2.43
C PRO C 42 -6.14 29.33 2.10
N SER C 43 -6.57 30.26 1.25
CA SER C 43 -7.97 30.40 0.85
C SER C 43 -8.74 29.08 0.65
N ASP C 44 -8.30 28.26 -0.28
CA ASP C 44 -8.96 26.98 -0.55
C ASP C 44 -8.90 26.10 0.68
N GLU C 45 -10.00 26.07 1.43
CA GLU C 45 -10.06 25.27 2.66
C GLU C 45 -11.50 24.97 3.04
N THR C 46 -11.83 23.68 3.10
CA THR C 46 -13.16 23.23 3.46
C THR C 46 -13.08 22.55 4.82
N THR C 47 -14.12 22.74 5.63
CA THR C 47 -14.14 22.13 6.96
C THR C 47 -15.42 21.36 7.18
N VAL C 48 -15.27 20.15 7.72
CA VAL C 48 -16.40 19.27 8.00
C VAL C 48 -16.50 18.95 9.49
N ASP C 49 -17.71 18.96 10.02
CA ASP C 49 -17.96 18.64 11.44
C ASP C 49 -18.60 17.27 11.57
N LEU C 50 -18.01 16.40 12.39
CA LEU C 50 -18.53 15.05 12.53
C LEU C 50 -18.62 14.58 13.97
N THR C 51 -19.42 13.55 14.22
CA THR C 51 -19.46 12.99 15.57
C THR C 51 -18.16 12.21 15.65
N SER C 52 -17.61 12.09 16.85
CA SER C 52 -16.36 11.36 17.02
C SER C 52 -16.54 9.91 16.59
N SER C 53 -17.79 9.47 16.41
CA SER C 53 -18.02 8.09 16.01
C SER C 53 -17.69 7.80 14.53
N ILE C 54 -17.29 8.82 13.77
CA ILE C 54 -16.90 8.61 12.38
C ILE C 54 -15.37 8.58 12.30
N THR C 55 -14.81 7.50 11.77
CA THR C 55 -13.36 7.40 11.71
C THR C 55 -12.77 7.49 10.32
N SER C 56 -13.57 7.74 9.30
CA SER C 56 -13.02 7.80 7.95
C SER C 56 -13.89 8.54 6.99
N LEU C 57 -13.25 9.19 6.02
CA LEU C 57 -13.94 9.99 5.02
C LEU C 57 -13.28 9.78 3.65
N THR C 58 -14.07 9.69 2.59
CA THR C 58 -13.50 9.55 1.24
C THR C 58 -13.76 10.87 0.49
N LEU C 59 -12.70 11.53 0.04
CA LEU C 59 -12.82 12.81 -0.65
C LEU C 59 -12.76 12.72 -2.17
N THR C 60 -13.58 13.50 -2.85
CA THR C 60 -13.59 13.51 -4.31
C THR C 60 -13.51 14.94 -4.77
N ASN C 61 -13.49 15.13 -6.07
CA ASN C 61 -13.40 16.44 -6.68
C ASN C 61 -12.07 17.10 -6.35
N LEU C 62 -11.03 16.28 -6.18
CA LEU C 62 -9.71 16.83 -5.91
C LEU C 62 -9.07 17.03 -7.29
N GLU C 63 -8.12 17.94 -7.38
CA GLU C 63 -7.44 18.21 -8.64
C GLU C 63 -6.19 17.32 -8.80
N PRO C 64 -5.93 16.81 -10.00
CA PRO C 64 -4.77 15.95 -10.28
C PRO C 64 -3.38 16.55 -10.03
N ASN C 65 -2.42 15.68 -9.75
CA ASN C 65 -1.04 16.08 -9.49
C ASN C 65 -1.02 17.38 -8.68
N THR C 66 -1.68 17.36 -7.53
CA THR C 66 -1.78 18.52 -6.66
C THR C 66 -1.52 18.05 -5.23
N THR C 67 -0.89 18.93 -4.46
CA THR C 67 -0.54 18.64 -3.08
C THR C 67 -1.55 19.20 -2.09
N TYR C 68 -2.13 18.32 -1.29
CA TYR C 68 -3.12 18.74 -0.31
C TYR C 68 -2.61 18.58 1.11
N GLU C 69 -3.35 19.18 2.04
CA GLU C 69 -3.01 19.10 3.45
C GLU C 69 -4.28 18.90 4.26
N ILE C 70 -4.32 17.84 5.06
CA ILE C 70 -5.47 17.56 5.91
C ILE C 70 -5.13 17.82 7.37
N ARG C 71 -6.07 18.39 8.10
CA ARG C 71 -5.89 18.73 9.49
C ARG C 71 -7.09 18.15 10.26
N ILE C 72 -6.86 17.40 11.34
CA ILE C 72 -7.99 16.84 12.10
C ILE C 72 -7.94 17.26 13.57
N VAL C 73 -9.05 17.82 14.05
CA VAL C 73 -9.15 18.28 15.43
C VAL C 73 -10.29 17.67 16.22
N ALA C 74 -10.03 17.41 17.51
CA ALA C 74 -11.03 16.88 18.41
C ALA C 74 -11.66 18.09 19.09
N ARG C 75 -12.96 18.03 19.35
CA ARG C 75 -13.67 19.14 20.00
C ARG C 75 -14.52 18.63 21.13
N ASN C 76 -14.38 19.24 22.30
CA ASN C 76 -15.20 18.86 23.46
C ASN C 76 -15.76 20.16 24.03
N GLY C 77 -17.04 20.41 23.77
CA GLY C 77 -17.65 21.64 24.21
C GLY C 77 -17.10 22.68 23.24
N GLN C 78 -16.25 23.58 23.72
CA GLN C 78 -15.66 24.55 22.82
C GLN C 78 -14.15 24.53 22.96
N GLN C 79 -13.65 23.50 23.62
CA GLN C 79 -12.22 23.34 23.74
C GLN C 79 -11.81 22.49 22.52
N TYR C 80 -10.73 22.89 21.87
CA TYR C 80 -10.20 22.19 20.71
C TYR C 80 -8.80 21.65 20.99
N SER C 81 -8.53 20.44 20.50
CA SER C 81 -7.24 19.83 20.72
C SER C 81 -6.28 20.29 19.63
N PRO C 82 -4.98 20.11 19.84
CA PRO C 82 -4.04 20.52 18.80
C PRO C 82 -4.39 19.62 17.61
N PRO C 83 -4.12 20.08 16.40
CA PRO C 83 -4.43 19.25 15.24
C PRO C 83 -3.45 18.12 15.05
N VAL C 84 -3.80 17.21 14.17
CA VAL C 84 -2.94 16.11 13.77
C VAL C 84 -3.06 16.25 12.27
N SER C 85 -1.95 16.28 11.54
CA SER C 85 -2.06 16.47 10.11
C SER C 85 -1.09 15.70 9.25
N THR C 86 -1.19 15.92 7.95
CA THR C 86 -0.32 15.28 6.99
C THR C 86 -0.56 15.93 5.64
N THR C 87 0.33 15.69 4.70
CA THR C 87 0.17 16.23 3.36
C THR C 87 0.23 15.05 2.40
N PHE C 88 -0.38 15.22 1.24
CA PHE C 88 -0.39 14.16 0.22
C PHE C 88 -0.61 14.81 -1.14
N THR C 89 -0.18 14.10 -2.18
CA THR C 89 -0.31 14.60 -3.54
C THR C 89 -1.11 13.62 -4.38
N THR C 90 -2.04 14.15 -5.16
CA THR C 90 -2.87 13.30 -6.01
C THR C 90 -2.07 12.86 -7.23
N GLY C 91 -2.46 11.72 -7.79
CA GLY C 91 -1.79 11.19 -8.95
C GLY C 91 -1.92 12.13 -10.14
N SER C 92 -1.12 11.89 -11.17
CA SER C 92 -1.15 12.74 -12.36
C SER C 92 -1.37 11.97 -13.65
N LEU C 93 -1.48 12.71 -14.75
CA LEU C 93 -1.69 12.14 -16.07
C LEU C 93 -0.36 12.05 -16.81
N GLU C 94 -0.09 10.90 -17.43
CA GLU C 94 1.15 10.73 -18.20
C GLU C 94 0.94 11.00 -19.71
N HIS C 95 -0.28 10.77 -20.19
CA HIS C 95 -0.66 11.03 -21.58
C HIS C 95 -1.36 12.40 -21.59
N HIS C 96 -1.28 13.15 -22.69
CA HIS C 96 -1.92 14.48 -22.68
C HIS C 96 -3.41 14.53 -23.04
N HIS C 97 -3.99 15.73 -22.91
CA HIS C 97 -5.41 15.98 -23.17
C HIS C 97 -5.80 16.07 -24.67
N HIS C 98 -7.00 16.57 -24.92
CA HIS C 98 -7.60 16.73 -26.26
C HIS C 98 -6.81 17.43 -27.37
N HIS C 99 -7.60 18.14 -28.19
CA HIS C 99 -7.14 18.95 -29.32
C HIS C 99 -8.33 19.23 -30.25
N LEU D 2 -19.05 18.40 -9.60
CA LEU D 2 -19.39 18.69 -11.02
C LEU D 2 -20.56 17.83 -11.49
N GLN D 3 -20.24 16.81 -12.30
CA GLN D 3 -21.24 15.91 -12.84
C GLN D 3 -20.52 14.73 -13.52
N PRO D 4 -20.67 13.51 -12.95
CA PRO D 4 -20.05 12.27 -13.46
C PRO D 4 -20.81 11.45 -14.49
N PRO D 5 -20.16 10.40 -15.03
CA PRO D 5 -20.71 9.48 -16.03
C PRO D 5 -21.60 8.49 -15.29
N PHE D 6 -21.75 7.29 -15.82
CA PHE D 6 -22.57 6.27 -15.16
C PHE D 6 -22.86 5.09 -16.05
N ASN D 7 -23.24 3.98 -15.42
CA ASN D 7 -23.57 2.75 -16.12
C ASN D 7 -22.36 2.06 -16.72
N ILE D 8 -21.21 2.19 -16.07
CA ILE D 8 -20.03 1.53 -16.57
C ILE D 8 -20.33 0.04 -16.64
N LYS D 9 -19.99 -0.57 -17.77
CA LYS D 9 -20.22 -2.00 -17.97
C LYS D 9 -19.06 -2.63 -18.73
N VAL D 10 -18.57 -3.75 -18.22
CA VAL D 10 -17.47 -4.47 -18.84
C VAL D 10 -18.04 -5.66 -19.62
N THR D 11 -17.63 -5.79 -20.89
CA THR D 11 -18.10 -6.85 -21.77
C THR D 11 -16.96 -7.73 -22.27
N ASN D 12 -17.34 -8.81 -22.97
CA ASN D 12 -16.41 -9.78 -23.55
C ASN D 12 -15.08 -9.95 -22.87
N ILE D 13 -15.11 -10.31 -21.60
CA ILE D 13 -13.88 -10.51 -20.85
C ILE D 13 -13.18 -11.81 -21.27
N THR D 14 -12.05 -11.68 -21.96
CA THR D 14 -11.30 -12.86 -22.40
C THR D 14 -10.12 -13.05 -21.47
N LEU D 15 -9.06 -13.68 -21.97
CA LEU D 15 -7.89 -13.91 -21.16
C LEU D 15 -7.11 -12.63 -20.89
N THR D 16 -6.93 -11.83 -21.93
CA THR D 16 -6.18 -10.59 -21.78
C THR D 16 -6.85 -9.35 -22.34
N THR D 17 -8.14 -9.45 -22.64
CA THR D 17 -8.85 -8.31 -23.19
C THR D 17 -10.20 -8.12 -22.51
N ALA D 18 -10.81 -6.98 -22.77
CA ALA D 18 -12.11 -6.66 -22.20
C ALA D 18 -12.62 -5.38 -22.84
N VAL D 19 -13.95 -5.26 -22.94
CA VAL D 19 -14.60 -4.09 -23.51
C VAL D 19 -15.28 -3.25 -22.42
N VAL D 20 -14.92 -1.98 -22.34
CA VAL D 20 -15.53 -1.10 -21.35
C VAL D 20 -16.48 -0.11 -22.02
N THR D 21 -17.70 -0.01 -21.53
CA THR D 21 -18.67 0.93 -22.08
C THR D 21 -19.28 1.79 -20.95
N TRP D 22 -19.73 2.99 -21.28
CA TRP D 22 -20.32 3.88 -20.28
C TRP D 22 -21.20 4.94 -20.91
N GLN D 23 -21.93 5.68 -20.07
CA GLN D 23 -22.81 6.74 -20.51
C GLN D 23 -22.21 8.09 -20.12
N PRO D 24 -22.25 9.10 -21.01
CA PRO D 24 -21.71 10.42 -20.71
C PRO D 24 -22.62 11.24 -19.79
N PRO D 25 -22.06 12.27 -19.15
CA PRO D 25 -22.77 13.17 -18.22
C PRO D 25 -23.90 13.95 -18.89
N ILE D 26 -24.92 14.30 -18.12
CA ILE D 26 -26.05 15.06 -18.61
C ILE D 26 -25.64 16.51 -18.85
N LEU D 27 -24.68 16.99 -18.06
CA LEU D 27 -24.18 18.35 -18.19
C LEU D 27 -22.96 18.40 -19.10
N PRO D 28 -22.78 19.51 -19.81
CA PRO D 28 -21.63 19.66 -20.71
C PRO D 28 -20.32 19.55 -19.95
N ILE D 29 -19.39 18.76 -20.49
CA ILE D 29 -18.08 18.61 -19.87
C ILE D 29 -17.04 18.73 -20.96
N GLU D 30 -15.82 19.06 -20.58
CA GLU D 30 -14.74 19.21 -21.53
C GLU D 30 -14.11 17.88 -21.92
N GLY D 31 -13.82 17.05 -20.93
CA GLY D 31 -13.19 15.77 -21.21
C GLY D 31 -13.54 14.70 -20.20
N ILE D 32 -13.03 13.49 -20.42
CA ILE D 32 -13.28 12.38 -19.53
C ILE D 32 -12.03 11.55 -19.27
N LEU D 33 -11.78 11.27 -17.99
CA LEU D 33 -10.62 10.52 -17.58
C LEU D 33 -10.95 9.07 -17.19
N VAL D 34 -10.37 8.14 -17.93
CA VAL D 34 -10.59 6.73 -17.67
C VAL D 34 -9.30 6.13 -17.14
N THR D 35 -9.40 5.50 -15.97
CA THR D 35 -8.25 4.88 -15.30
C THR D 35 -8.51 3.39 -15.10
N PHE D 36 -7.47 2.58 -15.25
CA PHE D 36 -7.60 1.15 -15.10
C PHE D 36 -6.30 0.49 -14.62
N GLY D 37 -6.45 -0.66 -13.97
CA GLY D 37 -5.30 -1.39 -13.45
C GLY D 37 -5.70 -2.37 -12.36
N ARG D 38 -4.71 -3.09 -11.82
CA ARG D 38 -4.93 -4.05 -10.75
C ARG D 38 -5.46 -3.32 -9.53
N LYS D 39 -6.49 -3.89 -8.91
CA LYS D 39 -7.13 -3.30 -7.73
C LYS D 39 -6.24 -3.06 -6.51
N ASN D 40 -5.21 -3.89 -6.33
CA ASN D 40 -4.32 -3.74 -5.17
C ASN D 40 -2.92 -3.27 -5.56
N ASP D 41 -2.85 -2.33 -6.48
CA ASP D 41 -1.57 -1.82 -6.94
C ASP D 41 -1.75 -0.43 -7.55
N PRO D 42 -1.69 0.61 -6.71
CA PRO D 42 -1.84 2.01 -7.13
C PRO D 42 -0.71 2.53 -8.03
N SER D 43 0.35 1.76 -8.17
CA SER D 43 1.49 2.15 -9.02
C SER D 43 1.35 1.50 -10.39
N ASP D 44 0.23 0.79 -10.57
CA ASP D 44 -0.06 0.08 -11.81
C ASP D 44 -1.08 0.81 -12.69
N GLU D 45 -1.85 1.71 -12.09
CA GLU D 45 -2.87 2.46 -12.81
C GLU D 45 -2.38 3.16 -14.08
N THR D 46 -3.23 3.16 -15.10
CA THR D 46 -2.93 3.76 -16.39
C THR D 46 -4.13 4.65 -16.74
N THR D 47 -3.87 5.87 -17.17
CA THR D 47 -4.96 6.76 -17.48
C THR D 47 -4.94 7.42 -18.86
N VAL D 48 -6.14 7.61 -19.40
CA VAL D 48 -6.32 8.24 -20.72
C VAL D 48 -7.36 9.36 -20.64
N ASP D 49 -7.15 10.44 -21.40
CA ASP D 49 -8.12 11.54 -21.41
C ASP D 49 -8.92 11.52 -22.72
N LEU D 50 -10.23 11.28 -22.64
CA LEU D 50 -11.08 11.20 -23.82
C LEU D 50 -12.04 12.37 -23.96
N THR D 51 -12.77 12.41 -25.07
CA THR D 51 -13.77 13.45 -25.29
C THR D 51 -15.11 12.89 -24.83
N SER D 52 -16.07 13.76 -24.55
CA SER D 52 -17.37 13.30 -24.07
C SER D 52 -18.14 12.49 -25.11
N SER D 53 -17.66 12.46 -26.34
CA SER D 53 -18.36 11.73 -27.39
C SER D 53 -17.93 10.26 -27.54
N ILE D 54 -16.84 9.86 -26.89
CA ILE D 54 -16.40 8.47 -26.99
C ILE D 54 -17.08 7.71 -25.86
N THR D 55 -17.66 6.55 -26.18
CA THR D 55 -18.39 5.79 -25.18
C THR D 55 -17.93 4.38 -24.89
N SER D 56 -16.79 3.99 -25.42
CA SER D 56 -16.26 2.66 -25.13
C SER D 56 -14.83 2.46 -25.59
N LEU D 57 -14.16 1.57 -24.86
CA LEU D 57 -12.78 1.22 -25.11
C LEU D 57 -12.68 -0.29 -25.07
N THR D 58 -11.65 -0.82 -25.74
CA THR D 58 -11.39 -2.24 -25.71
C THR D 58 -9.97 -2.28 -25.16
N LEU D 59 -9.75 -3.09 -24.13
CA LEU D 59 -8.43 -3.18 -23.50
C LEU D 59 -7.72 -4.49 -23.81
N THR D 60 -6.41 -4.41 -24.02
CA THR D 60 -5.61 -5.60 -24.31
C THR D 60 -4.39 -5.62 -23.39
N ASN D 61 -3.63 -6.71 -23.45
CA ASN D 61 -2.44 -6.86 -22.62
C ASN D 61 -2.69 -6.90 -21.12
N LEU D 62 -3.90 -7.25 -20.74
CA LEU D 62 -4.20 -7.35 -19.32
C LEU D 62 -3.58 -8.68 -18.92
N GLU D 63 -3.38 -8.90 -17.62
CA GLU D 63 -2.80 -10.14 -17.13
C GLU D 63 -3.94 -11.14 -16.93
N PRO D 64 -3.70 -12.41 -17.22
CA PRO D 64 -4.73 -13.44 -17.06
C PRO D 64 -5.20 -13.56 -15.62
N ASN D 65 -6.46 -13.98 -15.46
CA ASN D 65 -7.06 -14.14 -14.14
C ASN D 65 -6.48 -13.14 -13.15
N THR D 66 -6.96 -11.90 -13.25
CA THR D 66 -6.52 -10.82 -12.39
C THR D 66 -7.71 -9.89 -12.24
N THR D 67 -7.80 -9.20 -11.09
CA THR D 67 -8.91 -8.29 -10.86
C THR D 67 -8.50 -6.85 -11.08
N TYR D 68 -9.19 -6.19 -12.01
CA TYR D 68 -8.92 -4.79 -12.34
C TYR D 68 -10.08 -3.90 -11.92
N GLU D 69 -9.77 -2.63 -11.70
CA GLU D 69 -10.81 -1.67 -11.36
C GLU D 69 -10.73 -0.51 -12.36
N ILE D 70 -11.90 -0.09 -12.83
CA ILE D 70 -12.00 0.99 -13.79
C ILE D 70 -12.68 2.18 -13.15
N ARG D 71 -12.10 3.36 -13.32
CA ARG D 71 -12.66 4.59 -12.78
C ARG D 71 -12.83 5.53 -13.93
N ILE D 72 -13.98 6.19 -13.99
CA ILE D 72 -14.22 7.19 -15.04
C ILE D 72 -14.63 8.47 -14.35
N VAL D 73 -13.91 9.54 -14.63
CA VAL D 73 -14.22 10.83 -14.04
C VAL D 73 -14.37 11.88 -15.13
N ALA D 74 -15.36 12.74 -14.98
CA ALA D 74 -15.60 13.80 -15.94
C ALA D 74 -14.87 15.05 -15.42
N ARG D 75 -14.51 15.97 -16.31
CA ARG D 75 -13.83 17.17 -15.88
C ARG D 75 -14.34 18.36 -16.65
N ASN D 76 -14.25 19.52 -16.01
CA ASN D 76 -14.69 20.77 -16.60
C ASN D 76 -13.93 21.85 -15.84
N GLY D 77 -12.91 22.41 -16.49
CA GLY D 77 -12.10 23.40 -15.82
C GLY D 77 -11.34 22.62 -14.76
N GLN D 78 -11.21 23.18 -13.57
CA GLN D 78 -10.51 22.48 -12.50
C GLN D 78 -11.51 21.74 -11.61
N GLN D 79 -12.68 21.44 -12.17
CA GLN D 79 -13.73 20.72 -11.45
C GLN D 79 -13.84 19.30 -11.97
N TYR D 80 -13.69 18.33 -11.08
CA TYR D 80 -13.77 16.93 -11.48
C TYR D 80 -14.91 16.29 -10.71
N SER D 81 -15.66 15.43 -11.38
CA SER D 81 -16.79 14.78 -10.72
C SER D 81 -16.32 13.57 -9.94
N PRO D 82 -17.17 13.06 -9.05
CA PRO D 82 -16.77 11.88 -8.28
C PRO D 82 -16.62 10.75 -9.29
N PRO D 83 -15.72 9.79 -9.02
CA PRO D 83 -15.57 8.72 -9.98
C PRO D 83 -16.68 7.67 -9.94
N VAL D 84 -16.91 7.06 -11.10
CA VAL D 84 -17.86 5.98 -11.24
C VAL D 84 -16.87 4.84 -11.51
N SER D 85 -16.92 3.80 -10.71
CA SER D 85 -15.99 2.71 -10.91
C SER D 85 -16.69 1.38 -11.04
N THR D 86 -15.90 0.37 -11.41
CA THR D 86 -16.42 -0.98 -11.56
C THR D 86 -15.23 -1.92 -11.48
N THR D 87 -15.51 -3.20 -11.30
CA THR D 87 -14.46 -4.21 -11.22
C THR D 87 -14.79 -5.41 -12.07
N PHE D 88 -13.76 -6.18 -12.39
CA PHE D 88 -13.94 -7.38 -13.21
C PHE D 88 -12.65 -8.18 -13.15
N THR D 89 -12.73 -9.46 -13.50
CA THR D 89 -11.54 -10.28 -13.48
C THR D 89 -11.42 -11.04 -14.80
N THR D 90 -10.19 -11.12 -15.31
CA THR D 90 -9.92 -11.80 -16.58
C THR D 90 -9.96 -13.32 -16.43
N GLY D 91 -10.21 -14.02 -17.53
CA GLY D 91 -10.27 -15.47 -17.51
C GLY D 91 -9.03 -16.13 -16.97
N SER D 92 -9.16 -17.38 -16.50
CA SER D 92 -8.04 -18.13 -15.91
C SER D 92 -7.36 -19.15 -16.82
N MET E 1 -23.22 -6.84 29.48
CA MET E 1 -22.59 -6.63 28.15
C MET E 1 -21.65 -5.42 28.10
N LEU E 2 -20.63 -5.53 27.25
CA LEU E 2 -19.65 -4.46 27.12
C LEU E 2 -19.28 -4.19 25.66
N GLN E 3 -19.24 -2.91 25.28
CA GLN E 3 -18.88 -2.53 23.91
C GLN E 3 -17.46 -3.03 23.65
N PRO E 4 -17.23 -3.65 22.48
CA PRO E 4 -15.92 -4.19 22.09
C PRO E 4 -15.00 -3.19 21.42
N PRO E 5 -13.71 -3.54 21.30
CA PRO E 5 -12.72 -2.68 20.65
C PRO E 5 -13.14 -2.74 19.17
N PHE E 6 -12.61 -1.87 18.32
CA PHE E 6 -13.03 -1.95 16.92
C PHE E 6 -11.99 -1.48 15.91
N ASN E 7 -12.36 -1.50 14.62
CA ASN E 7 -11.46 -1.12 13.53
C ASN E 7 -10.12 -1.86 13.63
N ILE E 8 -10.16 -3.18 13.86
CA ILE E 8 -8.93 -3.93 13.94
C ILE E 8 -8.30 -3.82 12.54
N LYS E 9 -6.98 -3.72 12.49
CA LYS E 9 -6.32 -3.56 11.20
C LYS E 9 -4.93 -4.18 11.20
N VAL E 10 -4.69 -5.15 10.32
CA VAL E 10 -3.36 -5.73 10.24
C VAL E 10 -2.66 -4.95 9.13
N THR E 11 -1.40 -4.64 9.37
CA THR E 11 -0.67 -3.81 8.43
C THR E 11 0.80 -4.23 8.33
N ASN E 12 1.46 -3.78 7.26
CA ASN E 12 2.87 -4.09 7.04
C ASN E 12 3.18 -5.59 7.18
N ILE E 13 2.41 -6.44 6.50
CA ILE E 13 2.64 -7.88 6.57
C ILE E 13 3.87 -8.27 5.74
N THR E 14 4.77 -9.04 6.35
CA THR E 14 5.97 -9.47 5.65
C THR E 14 6.00 -10.99 5.78
N LEU E 15 7.19 -11.57 5.66
CA LEU E 15 7.36 -13.02 5.75
C LEU E 15 7.21 -13.52 7.18
N THR E 16 7.65 -12.69 8.14
CA THR E 16 7.62 -13.11 9.53
C THR E 16 7.08 -12.08 10.53
N THR E 17 6.58 -10.95 10.06
CA THR E 17 6.07 -9.95 10.98
C THR E 17 4.78 -9.28 10.49
N ALA E 18 4.01 -8.76 11.44
CA ALA E 18 2.74 -8.09 11.11
C ALA E 18 2.48 -7.00 12.14
N VAL E 19 1.88 -5.89 11.69
CA VAL E 19 1.54 -4.82 12.62
C VAL E 19 0.04 -4.85 12.86
N VAL E 20 -0.33 -4.98 14.13
CA VAL E 20 -1.74 -5.00 14.52
C VAL E 20 -2.07 -3.72 15.26
N THR E 21 -3.16 -3.09 14.89
CA THR E 21 -3.57 -1.87 15.54
C THR E 21 -5.11 -1.81 15.57
N TRP E 22 -5.65 -1.27 16.65
CA TRP E 22 -7.09 -1.23 16.82
C TRP E 22 -7.54 -0.01 17.61
N GLN E 23 -8.85 0.12 17.79
CA GLN E 23 -9.42 1.24 18.55
C GLN E 23 -10.16 0.71 19.80
N PRO E 24 -9.78 1.20 20.98
CA PRO E 24 -10.42 0.76 22.23
C PRO E 24 -11.88 1.25 22.24
N PRO E 25 -12.74 0.55 23.01
CA PRO E 25 -14.15 0.96 23.09
C PRO E 25 -14.16 2.38 23.69
N ILE E 26 -15.19 3.15 23.39
CA ILE E 26 -15.24 4.52 23.88
C ILE E 26 -15.37 4.68 25.40
N LEU E 27 -16.13 3.80 26.05
CA LEU E 27 -16.28 3.86 27.51
C LEU E 27 -14.98 3.46 28.20
N PRO E 28 -14.70 4.04 29.38
CA PRO E 28 -13.47 3.71 30.12
C PRO E 28 -13.42 2.22 30.45
N ILE E 29 -12.23 1.64 30.29
CA ILE E 29 -12.07 0.21 30.54
C ILE E 29 -10.80 -0.11 31.33
N GLU E 30 -10.78 -1.26 31.97
CA GLU E 30 -9.63 -1.66 32.75
C GLU E 30 -8.56 -2.35 31.91
N GLY E 31 -8.94 -2.85 30.74
CA GLY E 31 -7.94 -3.52 29.93
C GLY E 31 -8.38 -4.03 28.57
N ILE E 32 -7.39 -4.37 27.76
CA ILE E 32 -7.60 -4.88 26.43
C ILE E 32 -6.84 -6.20 26.32
N LEU E 33 -7.52 -7.25 25.88
CA LEU E 33 -6.90 -8.55 25.72
C LEU E 33 -6.70 -8.86 24.24
N VAL E 34 -5.46 -9.14 23.85
CA VAL E 34 -5.17 -9.47 22.46
C VAL E 34 -4.76 -10.93 22.38
N THR E 35 -5.39 -11.68 21.48
CA THR E 35 -5.09 -13.09 21.33
C THR E 35 -4.65 -13.37 19.89
N PHE E 36 -3.58 -14.13 19.73
CA PHE E 36 -3.11 -14.44 18.38
C PHE E 36 -2.52 -15.84 18.32
N GLY E 37 -2.45 -16.38 17.10
CA GLY E 37 -1.90 -17.69 16.87
C GLY E 37 -2.34 -18.18 15.50
N ARG E 38 -1.86 -19.36 15.10
CA ARG E 38 -2.26 -19.91 13.81
C ARG E 38 -3.77 -20.12 13.88
N LYS E 39 -4.47 -19.75 12.81
CA LYS E 39 -5.92 -19.93 12.76
C LYS E 39 -6.09 -21.44 12.75
N ASN E 40 -5.04 -22.09 12.24
CA ASN E 40 -4.90 -23.53 12.09
C ASN E 40 -4.45 -24.25 13.38
N ASP E 41 -4.91 -23.80 14.54
CA ASP E 41 -4.52 -24.42 15.81
C ASP E 41 -4.97 -23.65 17.06
N PRO E 42 -6.08 -24.06 17.68
CA PRO E 42 -6.56 -23.39 18.89
C PRO E 42 -5.57 -23.52 20.04
N SER E 43 -4.71 -24.53 19.96
CA SER E 43 -3.70 -24.76 21.00
C SER E 43 -2.65 -23.66 20.93
N ASP E 44 -2.15 -23.40 19.74
CA ASP E 44 -1.14 -22.36 19.53
C ASP E 44 -1.75 -20.97 19.72
N GLU E 45 -1.95 -20.57 20.96
CA GLU E 45 -2.54 -19.26 21.22
C GLU E 45 -1.88 -18.48 22.35
N THR E 46 -1.75 -17.17 22.16
CA THR E 46 -1.14 -16.32 23.17
C THR E 46 -2.08 -15.15 23.43
N THR E 47 -2.30 -14.84 24.70
CA THR E 47 -3.17 -13.74 25.05
C THR E 47 -2.47 -12.75 25.98
N VAL E 48 -2.34 -11.51 25.53
CA VAL E 48 -1.71 -10.48 26.35
C VAL E 48 -2.74 -9.50 26.91
N ASP E 49 -2.48 -9.01 28.12
CA ASP E 49 -3.34 -8.07 28.80
C ASP E 49 -2.69 -6.68 28.72
N LEU E 50 -3.29 -5.78 27.97
CA LEU E 50 -2.73 -4.43 27.77
C LEU E 50 -3.56 -3.32 28.38
N THR E 51 -2.93 -2.17 28.59
CA THR E 51 -3.63 -0.99 29.07
C THR E 51 -4.40 -0.59 27.83
N SER E 52 -5.42 0.23 28.00
CA SER E 52 -6.20 0.67 26.86
C SER E 52 -5.46 1.81 26.14
N SER E 53 -4.35 2.29 26.70
CA SER E 53 -3.61 3.36 26.05
C SER E 53 -2.54 2.81 25.09
N ILE E 54 -2.56 1.50 24.83
CA ILE E 54 -1.63 0.90 23.87
C ILE E 54 -2.57 0.53 22.72
N THR E 55 -2.34 1.07 21.52
CA THR E 55 -3.23 0.76 20.42
C THR E 55 -2.60 -0.01 19.28
N SER E 56 -1.35 -0.43 19.45
CA SER E 56 -0.71 -1.18 18.40
C SER E 56 0.38 -2.14 18.85
N LEU E 57 0.44 -3.29 18.19
CA LEU E 57 1.41 -4.33 18.46
C LEU E 57 2.08 -4.79 17.17
N THR E 58 3.39 -5.00 17.23
CA THR E 58 4.08 -5.52 16.07
C THR E 58 4.46 -6.94 16.45
N LEU E 59 3.96 -7.90 15.67
CA LEU E 59 4.25 -9.30 15.92
C LEU E 59 5.42 -9.77 15.08
N THR E 60 6.45 -10.33 15.72
CA THR E 60 7.57 -10.84 14.97
C THR E 60 7.67 -12.34 15.20
N ASN E 61 8.62 -12.97 14.53
CA ASN E 61 8.78 -14.41 14.67
C ASN E 61 7.53 -15.20 14.28
N LEU E 62 6.96 -14.84 13.15
CA LEU E 62 5.79 -15.54 12.62
C LEU E 62 6.36 -16.44 11.52
N GLU E 63 5.69 -17.54 11.23
CA GLU E 63 6.16 -18.45 10.19
C GLU E 63 5.71 -17.94 8.83
N PRO E 64 6.55 -18.09 7.79
CA PRO E 64 6.22 -17.63 6.45
C PRO E 64 5.04 -18.41 5.90
N ASN E 65 4.30 -17.77 4.99
CA ASN E 65 3.16 -18.37 4.33
C ASN E 65 2.16 -19.05 5.27
N THR E 66 2.03 -18.54 6.50
CA THR E 66 1.10 -19.11 7.47
C THR E 66 -0.07 -18.15 7.67
N THR E 67 -1.23 -18.71 8.01
CA THR E 67 -2.45 -17.92 8.23
C THR E 67 -2.70 -17.77 9.72
N TYR E 68 -2.82 -16.52 10.17
CA TYR E 68 -3.03 -16.21 11.58
C TYR E 68 -4.33 -15.47 11.86
N GLU E 69 -4.79 -15.57 13.10
CA GLU E 69 -6.03 -14.89 13.51
C GLU E 69 -5.75 -14.09 14.77
N ILE E 70 -6.38 -12.93 14.86
CA ILE E 70 -6.20 -12.06 16.02
C ILE E 70 -7.57 -11.75 16.59
N ARG E 71 -7.70 -11.87 17.91
CA ARG E 71 -8.93 -11.58 18.62
C ARG E 71 -8.56 -10.46 19.60
N ILE E 72 -9.38 -9.42 19.65
CA ILE E 72 -9.11 -8.33 20.56
C ILE E 72 -10.39 -8.12 21.34
N VAL E 73 -10.29 -8.21 22.66
CA VAL E 73 -11.45 -8.09 23.54
C VAL E 73 -11.20 -7.03 24.60
N ALA E 74 -12.26 -6.39 25.08
CA ALA E 74 -12.09 -5.41 26.13
C ALA E 74 -12.65 -6.01 27.41
N ARG E 75 -12.06 -5.63 28.54
CA ARG E 75 -12.51 -6.13 29.82
C ARG E 75 -12.68 -4.97 30.80
N ASN E 76 -13.77 -5.02 31.55
CA ASN E 76 -14.04 -4.00 32.56
C ASN E 76 -14.86 -4.66 33.66
N GLY E 77 -14.51 -4.36 34.90
CA GLY E 77 -15.20 -4.96 36.03
C GLY E 77 -14.88 -6.43 35.99
N GLN E 78 -15.88 -7.24 35.70
CA GLN E 78 -15.71 -8.68 35.61
C GLN E 78 -16.36 -9.17 34.30
N GLN E 79 -16.35 -8.30 33.31
CA GLN E 79 -16.92 -8.58 31.99
C GLN E 79 -15.91 -8.44 30.84
N TYR E 80 -16.06 -9.32 29.86
CA TYR E 80 -15.25 -9.28 28.63
C TYR E 80 -16.28 -8.92 27.57
N SER E 81 -15.90 -8.06 26.64
CA SER E 81 -16.82 -7.69 25.59
C SER E 81 -16.66 -8.75 24.52
N PRO E 82 -17.55 -8.77 23.54
CA PRO E 82 -17.38 -9.78 22.51
C PRO E 82 -16.10 -9.39 21.79
N PRO E 83 -15.47 -10.34 21.08
CA PRO E 83 -14.24 -10.00 20.39
C PRO E 83 -14.43 -9.39 19.01
N VAL E 84 -13.43 -8.65 18.56
CA VAL E 84 -13.40 -8.12 17.20
C VAL E 84 -12.21 -8.92 16.66
N SER E 85 -12.39 -9.60 15.55
CA SER E 85 -11.29 -10.40 15.06
C SER E 85 -11.02 -10.25 13.59
N THR E 86 -9.91 -10.83 13.16
CA THR E 86 -9.53 -10.78 11.77
C THR E 86 -8.45 -11.83 11.53
N THR E 87 -8.23 -12.16 10.27
CA THR E 87 -7.21 -13.13 9.93
C THR E 87 -6.33 -12.53 8.84
N PHE E 88 -5.13 -13.07 8.72
CA PHE E 88 -4.19 -12.60 7.72
C PHE E 88 -3.19 -13.72 7.44
N THR E 89 -2.51 -13.65 6.30
CA THR E 89 -1.53 -14.67 5.99
C THR E 89 -0.21 -13.97 5.68
N THR E 90 0.86 -14.48 6.28
CA THR E 90 2.17 -13.92 6.08
C THR E 90 2.64 -14.10 4.65
N GLY E 91 3.58 -13.25 4.24
CA GLY E 91 4.13 -13.30 2.90
C GLY E 91 4.78 -14.64 2.63
N SER E 92 5.30 -14.81 1.42
CA SER E 92 5.95 -16.06 1.06
C SER E 92 7.25 -15.96 0.30
N LEU E 93 7.96 -17.07 0.37
CA LEU E 93 9.26 -17.28 -0.26
C LEU E 93 9.13 -17.43 -1.78
N GLU E 94 9.41 -16.36 -2.53
CA GLU E 94 9.33 -16.42 -4.00
C GLU E 94 10.42 -17.33 -4.59
N HIS E 95 11.68 -16.89 -4.52
CA HIS E 95 12.81 -17.69 -5.02
C HIS E 95 13.08 -18.76 -3.96
N HIS E 96 13.81 -19.84 -4.29
CA HIS E 96 14.01 -20.86 -3.28
C HIS E 96 15.18 -20.62 -2.34
N HIS E 97 15.33 -21.52 -1.37
CA HIS E 97 16.37 -21.44 -0.36
C HIS E 97 17.76 -21.87 -0.83
N HIS E 98 18.68 -21.97 0.14
CA HIS E 98 20.09 -22.34 -0.02
C HIS E 98 20.56 -23.28 -1.14
N HIS E 99 21.31 -24.32 -0.73
CA HIS E 99 21.88 -25.31 -1.65
C HIS E 99 20.90 -25.84 -2.70
N LEU F 2 -35.64 18.59 -7.22
CA LEU F 2 -34.22 18.52 -6.78
C LEU F 2 -33.89 17.09 -6.31
N GLN F 3 -32.99 16.42 -7.02
CA GLN F 3 -32.58 15.03 -6.71
C GLN F 3 -31.70 14.84 -5.47
N PRO F 4 -31.63 13.59 -4.97
CA PRO F 4 -30.84 13.17 -3.82
C PRO F 4 -29.79 12.17 -4.30
N PRO F 5 -28.99 11.62 -3.38
CA PRO F 5 -28.01 10.65 -3.86
C PRO F 5 -28.73 9.36 -4.23
N PHE F 6 -27.99 8.27 -4.35
CA PHE F 6 -28.60 7.00 -4.69
C PHE F 6 -27.55 5.89 -4.71
N ASN F 7 -27.99 4.66 -4.90
CA ASN F 7 -27.05 3.54 -4.96
C ASN F 7 -26.31 3.42 -3.63
N ILE F 8 -26.96 3.86 -2.56
CA ILE F 8 -26.36 3.83 -1.23
C ILE F 8 -26.05 2.42 -0.76
N LYS F 9 -24.76 2.11 -0.67
CA LYS F 9 -24.31 0.79 -0.22
C LYS F 9 -23.69 0.88 1.16
N VAL F 10 -23.85 -0.18 1.94
CA VAL F 10 -23.28 -0.26 3.28
C VAL F 10 -22.40 -1.49 3.21
N THR F 11 -21.17 -1.39 3.72
CA THR F 11 -20.24 -2.51 3.64
C THR F 11 -19.36 -2.77 4.86
N ASN F 12 -18.54 -3.81 4.77
CA ASN F 12 -17.66 -4.18 5.87
C ASN F 12 -18.40 -4.09 7.18
N ILE F 13 -19.66 -4.53 7.19
CA ILE F 13 -20.45 -4.49 8.40
C ILE F 13 -19.82 -5.45 9.40
N THR F 14 -19.55 -4.96 10.60
CA THR F 14 -18.97 -5.77 11.65
C THR F 14 -19.95 -5.76 12.82
N LEU F 15 -19.47 -6.06 14.02
CA LEU F 15 -20.35 -6.04 15.18
C LEU F 15 -20.72 -4.61 15.55
N THR F 16 -19.80 -3.68 15.31
CA THR F 16 -20.06 -2.30 15.69
C THR F 16 -19.73 -1.20 14.67
N THR F 17 -19.32 -1.56 13.46
CA THR F 17 -18.97 -0.54 12.47
C THR F 17 -19.50 -0.84 11.07
N ALA F 18 -19.63 0.19 10.25
CA ALA F 18 -20.13 0.01 8.90
C ALA F 18 -19.64 1.13 7.98
N VAL F 19 -19.23 0.78 6.76
CA VAL F 19 -18.78 1.74 5.76
C VAL F 19 -19.99 2.08 4.88
N VAL F 20 -20.34 3.36 4.83
CA VAL F 20 -21.47 3.82 4.05
C VAL F 20 -20.97 4.55 2.82
N THR F 21 -21.50 4.18 1.66
CA THR F 21 -21.08 4.82 0.43
C THR F 21 -22.30 5.19 -0.38
N TRP F 22 -22.18 6.25 -1.17
CA TRP F 22 -23.29 6.69 -1.99
C TRP F 22 -22.82 7.47 -3.21
N GLN F 23 -23.60 7.37 -4.28
CA GLN F 23 -23.30 8.06 -5.54
C GLN F 23 -23.98 9.43 -5.49
N PRO F 24 -23.20 10.52 -5.60
CA PRO F 24 -23.77 11.87 -5.58
C PRO F 24 -24.86 12.00 -6.63
N PRO F 25 -25.80 12.93 -6.43
CA PRO F 25 -26.90 13.15 -7.37
C PRO F 25 -26.47 13.32 -8.82
N ILE F 26 -26.74 14.50 -9.35
CA ILE F 26 -26.42 14.86 -10.72
C ILE F 26 -26.76 16.33 -10.91
N LEU F 27 -26.41 17.12 -9.90
CA LEU F 27 -26.69 18.55 -9.90
C LEU F 27 -25.77 19.22 -8.89
N PRO F 28 -25.11 20.32 -9.29
CA PRO F 28 -24.22 21.00 -8.35
C PRO F 28 -25.00 21.47 -7.10
N ILE F 29 -24.79 20.73 -6.00
CA ILE F 29 -25.47 20.99 -4.73
C ILE F 29 -24.55 21.44 -3.60
N GLU F 30 -25.12 22.11 -2.60
CA GLU F 30 -24.35 22.59 -1.46
C GLU F 30 -24.16 21.52 -0.40
N GLY F 31 -23.96 20.27 -0.83
CA GLY F 31 -23.76 19.19 0.13
C GLY F 31 -24.96 18.32 0.45
N ILE F 32 -24.82 17.55 1.53
CA ILE F 32 -25.86 16.63 1.96
C ILE F 32 -25.88 16.45 3.47
N LEU F 33 -26.93 15.80 3.96
CA LEU F 33 -27.07 15.53 5.37
C LEU F 33 -27.23 14.02 5.50
N VAL F 34 -26.43 13.42 6.35
CA VAL F 34 -26.52 11.99 6.55
C VAL F 34 -27.03 11.81 7.98
N THR F 35 -28.09 11.03 8.13
CA THR F 35 -28.66 10.77 9.44
C THR F 35 -28.70 9.28 9.69
N PHE F 36 -28.35 8.87 10.89
CA PHE F 36 -28.36 7.45 11.24
C PHE F 36 -28.73 7.21 12.69
N GLY F 37 -29.32 6.06 12.96
CA GLY F 37 -29.70 5.73 14.32
C GLY F 37 -30.47 4.44 14.30
N ARG F 38 -30.77 3.89 15.48
CA ARG F 38 -31.52 2.64 15.55
C ARG F 38 -32.83 2.86 14.80
N LYS F 39 -33.18 1.92 13.93
CA LYS F 39 -34.40 2.02 13.14
C LYS F 39 -35.64 1.91 14.00
N ASN F 40 -35.57 1.08 15.04
CA ASN F 40 -36.70 0.87 15.94
C ASN F 40 -36.73 1.94 17.02
N ASP F 41 -36.07 3.07 16.76
CA ASP F 41 -36.03 4.14 17.75
C ASP F 41 -35.80 5.52 17.14
N PRO F 42 -36.89 6.28 16.92
CA PRO F 42 -36.88 7.63 16.36
C PRO F 42 -36.20 8.67 17.24
N SER F 43 -35.85 8.29 18.46
CA SER F 43 -35.19 9.21 19.38
C SER F 43 -33.69 9.25 19.07
N ASP F 44 -33.14 8.09 18.74
CA ASP F 44 -31.73 7.94 18.40
C ASP F 44 -31.45 8.34 16.94
N GLU F 45 -31.06 9.58 16.74
CA GLU F 45 -30.78 10.06 15.40
C GLU F 45 -29.58 11.01 15.44
N THR F 46 -28.57 10.71 14.63
CA THR F 46 -27.38 11.53 14.56
C THR F 46 -27.30 12.07 13.14
N THR F 47 -27.06 13.36 13.01
CA THR F 47 -26.99 13.98 11.70
C THR F 47 -25.62 14.60 11.48
N VAL F 48 -25.16 14.56 10.24
CA VAL F 48 -23.89 15.16 9.87
C VAL F 48 -24.14 15.96 8.58
N ASP F 49 -23.52 17.14 8.48
CA ASP F 49 -23.68 17.99 7.30
C ASP F 49 -22.39 17.99 6.50
N LEU F 50 -22.43 17.43 5.29
CA LEU F 50 -21.25 17.31 4.41
C LEU F 50 -21.36 17.99 3.06
N THR F 51 -20.23 18.46 2.53
CA THR F 51 -20.22 19.05 1.20
C THR F 51 -20.30 17.89 0.19
N SER F 52 -20.71 18.18 -1.03
CA SER F 52 -20.84 17.17 -2.10
C SER F 52 -19.60 16.30 -2.31
N SER F 53 -18.43 16.91 -2.16
CA SER F 53 -17.17 16.20 -2.35
C SER F 53 -17.01 14.90 -1.56
N ILE F 54 -17.75 14.72 -0.47
CA ILE F 54 -17.60 13.50 0.34
C ILE F 54 -18.57 12.40 -0.07
N THR F 55 -18.02 11.21 -0.38
CA THR F 55 -18.83 10.08 -0.84
C THR F 55 -18.85 8.85 0.08
N SER F 56 -18.09 8.87 1.17
CA SER F 56 -18.08 7.74 2.08
C SER F 56 -17.74 8.10 3.52
N LEU F 57 -18.27 7.32 4.44
CA LEU F 57 -18.03 7.52 5.86
C LEU F 57 -17.93 6.15 6.50
N THR F 58 -17.18 6.06 7.59
CA THR F 58 -17.08 4.82 8.33
C THR F 58 -17.74 5.11 9.68
N LEU F 59 -18.84 4.41 9.95
CA LEU F 59 -19.60 4.58 11.19
C LEU F 59 -19.13 3.61 12.25
N THR F 60 -18.98 4.11 13.47
CA THR F 60 -18.54 3.28 14.58
C THR F 60 -19.39 3.53 15.83
N ASN F 61 -19.15 2.71 16.85
CA ASN F 61 -19.88 2.80 18.10
C ASN F 61 -21.34 2.42 17.94
N LEU F 62 -21.58 1.42 17.10
CA LEU F 62 -22.93 0.92 16.87
C LEU F 62 -23.03 -0.33 17.75
N GLU F 63 -24.25 -0.75 18.09
CA GLU F 63 -24.43 -1.95 18.90
C GLU F 63 -24.54 -3.20 18.04
N PRO F 64 -24.10 -4.34 18.57
CA PRO F 64 -24.14 -5.62 17.85
C PRO F 64 -25.58 -6.08 17.55
N ASN F 65 -25.71 -6.94 16.54
CA ASN F 65 -27.00 -7.51 16.11
C ASN F 65 -28.16 -6.52 16.25
N THR F 66 -28.00 -5.33 15.67
CA THR F 66 -29.02 -4.29 15.73
C THR F 66 -29.31 -3.74 14.33
N THR F 67 -30.52 -3.22 14.14
CA THR F 67 -30.92 -2.67 12.85
C THR F 67 -30.86 -1.15 12.82
N TYR F 68 -30.09 -0.63 11.87
CA TYR F 68 -29.93 0.82 11.73
C TYR F 68 -30.50 1.33 10.41
N GLU F 69 -30.93 2.59 10.43
CA GLU F 69 -31.50 3.24 9.25
C GLU F 69 -30.70 4.47 8.87
N ILE F 70 -30.41 4.61 7.58
CA ILE F 70 -29.66 5.76 7.10
C ILE F 70 -30.50 6.55 6.09
N ARG F 71 -30.68 7.84 6.37
CA ARG F 71 -31.44 8.72 5.50
C ARG F 71 -30.51 9.83 5.04
N ILE F 72 -30.31 9.93 3.73
CA ILE F 72 -29.45 10.97 3.19
C ILE F 72 -30.29 11.95 2.37
N VAL F 73 -30.03 13.23 2.60
CA VAL F 73 -30.76 14.31 1.96
C VAL F 73 -29.77 15.32 1.39
N ALA F 74 -30.09 15.85 0.22
CA ALA F 74 -29.22 16.85 -0.42
C ALA F 74 -29.82 18.22 -0.16
N ARG F 75 -28.99 19.18 0.24
CA ARG F 75 -29.47 20.53 0.51
C ARG F 75 -28.82 21.59 -0.37
N ASN F 76 -29.49 22.73 -0.45
CA ASN F 76 -29.03 23.89 -1.23
C ASN F 76 -29.59 25.11 -0.51
N GLY F 77 -29.04 25.38 0.67
CA GLY F 77 -29.47 26.53 1.45
C GLY F 77 -30.78 26.31 2.17
N GLN F 78 -31.86 26.21 1.41
CA GLN F 78 -33.18 26.01 2.01
C GLN F 78 -34.02 24.97 1.26
N GLN F 79 -33.49 24.47 0.15
CA GLN F 79 -34.22 23.47 -0.63
C GLN F 79 -33.65 22.07 -0.43
N TYR F 80 -34.41 21.23 0.27
CA TYR F 80 -33.98 19.87 0.54
C TYR F 80 -34.63 18.89 -0.42
N SER F 81 -33.89 17.90 -0.89
CA SER F 81 -34.45 16.93 -1.81
C SER F 81 -35.13 15.81 -1.02
N PRO F 82 -35.94 15.00 -1.70
CA PRO F 82 -36.58 13.92 -0.93
C PRO F 82 -35.45 13.00 -0.45
N PRO F 83 -35.58 12.46 0.76
CA PRO F 83 -34.53 11.59 1.28
C PRO F 83 -34.40 10.23 0.61
N VAL F 84 -33.20 9.68 0.67
CA VAL F 84 -32.91 8.35 0.13
C VAL F 84 -32.59 7.60 1.40
N SER F 85 -33.00 6.35 1.51
CA SER F 85 -32.71 5.64 2.75
C SER F 85 -32.44 4.16 2.57
N THR F 86 -31.68 3.63 3.52
CA THR F 86 -31.30 2.23 3.52
C THR F 86 -31.30 1.81 4.97
N THR F 87 -31.36 0.51 5.19
CA THR F 87 -31.33 -0.01 6.54
C THR F 87 -30.41 -1.21 6.47
N PHE F 88 -29.70 -1.49 7.55
CA PHE F 88 -28.79 -2.62 7.60
C PHE F 88 -28.71 -3.11 9.05
N THR F 89 -28.13 -4.28 9.25
CA THR F 89 -28.01 -4.83 10.58
C THR F 89 -26.58 -5.23 10.86
N THR F 90 -26.11 -4.90 12.06
CA THR F 90 -24.74 -5.22 12.43
C THR F 90 -24.56 -6.73 12.69
N GLY F 91 -23.32 -7.20 12.58
CA GLY F 91 -23.05 -8.60 12.80
C GLY F 91 -23.59 -9.06 14.14
N SER F 92 -23.74 -10.36 14.31
CA SER F 92 -24.25 -10.91 15.55
C SER F 92 -23.19 -11.75 16.26
N LEU F 93 -23.41 -12.01 17.53
CA LEU F 93 -22.50 -12.84 18.31
C LEU F 93 -22.68 -14.29 17.89
N MET G 1 18.71 -22.76 -25.59
CA MET G 1 19.11 -21.40 -26.03
C MET G 1 18.52 -20.30 -25.14
N LEU G 2 19.33 -19.84 -24.19
CA LEU G 2 18.96 -18.80 -23.23
C LEU G 2 20.29 -18.18 -22.79
N GLN G 3 20.63 -17.02 -23.34
CA GLN G 3 21.88 -16.34 -23.03
C GLN G 3 22.24 -16.37 -21.55
N PRO G 4 23.49 -16.74 -21.22
CA PRO G 4 23.96 -16.82 -19.85
C PRO G 4 24.49 -15.50 -19.29
N PRO G 5 24.70 -15.43 -17.95
CA PRO G 5 25.23 -14.20 -17.34
C PRO G 5 26.67 -14.14 -17.82
N PHE G 6 27.35 -13.01 -17.63
CA PHE G 6 28.72 -12.96 -18.09
C PHE G 6 29.60 -11.92 -17.43
N ASN G 7 30.84 -11.86 -17.89
CA ASN G 7 31.82 -10.91 -17.37
C ASN G 7 31.89 -11.07 -15.86
N ILE G 8 31.99 -12.30 -15.38
CA ILE G 8 32.08 -12.53 -13.95
C ILE G 8 33.45 -12.13 -13.45
N LYS G 9 33.50 -11.36 -12.36
CA LYS G 9 34.76 -10.89 -11.81
C LYS G 9 34.89 -11.00 -10.30
N VAL G 10 35.95 -11.67 -9.86
CA VAL G 10 36.20 -11.84 -8.45
C VAL G 10 37.20 -10.76 -8.07
N THR G 11 36.88 -9.98 -7.05
CA THR G 11 37.75 -8.88 -6.67
C THR G 11 37.94 -8.82 -5.15
N ASN G 12 38.74 -7.89 -4.67
CA ASN G 12 38.97 -7.76 -3.22
C ASN G 12 39.20 -9.08 -2.45
N ILE G 13 40.11 -9.93 -2.92
CA ILE G 13 40.35 -11.18 -2.24
C ILE G 13 41.20 -11.00 -0.98
N THR G 14 40.80 -11.62 0.11
CA THR G 14 41.56 -11.49 1.35
C THR G 14 41.78 -12.88 1.92
N LEU G 15 42.19 -12.96 3.18
CA LEU G 15 42.41 -14.26 3.78
C LEU G 15 41.12 -15.09 3.74
N THR G 16 39.99 -14.45 4.02
CA THR G 16 38.72 -15.17 4.11
C THR G 16 37.49 -14.61 3.42
N THR G 17 37.65 -13.56 2.61
CA THR G 17 36.50 -13.01 1.93
C THR G 17 36.85 -12.65 0.48
N ALA G 18 35.82 -12.45 -0.33
CA ALA G 18 36.00 -12.08 -1.72
C ALA G 18 34.74 -11.43 -2.27
N VAL G 19 34.89 -10.58 -3.27
CA VAL G 19 33.74 -9.95 -3.87
C VAL G 19 33.53 -10.53 -5.27
N VAL G 20 32.29 -10.88 -5.57
CA VAL G 20 31.95 -11.43 -6.88
C VAL G 20 30.93 -10.50 -7.54
N THR G 21 31.14 -10.21 -8.82
CA THR G 21 30.22 -9.34 -9.54
C THR G 21 30.07 -9.84 -10.97
N TRP G 22 28.95 -9.50 -11.58
CA TRP G 22 28.68 -9.95 -12.93
C TRP G 22 27.66 -9.04 -13.61
N GLN G 23 27.20 -9.48 -14.78
CA GLN G 23 26.21 -8.76 -15.58
C GLN G 23 25.15 -9.76 -16.01
N PRO G 24 23.86 -9.38 -15.90
CA PRO G 24 22.76 -10.28 -16.30
C PRO G 24 22.68 -10.32 -17.82
N PRO G 25 22.10 -11.39 -18.38
CA PRO G 25 21.98 -11.47 -19.85
C PRO G 25 21.13 -10.30 -20.32
N ILE G 26 21.20 -9.97 -21.61
CA ILE G 26 20.45 -8.84 -22.16
C ILE G 26 18.93 -8.91 -21.91
N LEU G 27 18.33 -10.07 -22.16
CA LEU G 27 16.90 -10.21 -21.98
C LEU G 27 16.51 -10.67 -20.58
N PRO G 28 15.40 -10.13 -20.04
CA PRO G 28 14.90 -10.46 -18.69
C PRO G 28 14.89 -11.95 -18.42
N ILE G 29 15.03 -12.29 -17.14
CA ILE G 29 15.02 -13.69 -16.70
C ILE G 29 14.40 -13.75 -15.31
N GLU G 30 13.99 -14.96 -14.94
CA GLU G 30 13.34 -15.21 -13.66
C GLU G 30 14.28 -15.22 -12.46
N GLY G 31 15.51 -15.66 -12.66
CA GLY G 31 16.45 -15.70 -11.56
C GLY G 31 17.88 -15.98 -11.98
N ILE G 32 18.80 -15.76 -11.04
CA ILE G 32 20.20 -16.00 -11.25
C ILE G 32 20.67 -16.94 -10.16
N LEU G 33 21.37 -17.99 -10.55
CA LEU G 33 21.89 -18.95 -9.59
C LEU G 33 23.40 -18.79 -9.48
N VAL G 34 23.87 -18.56 -8.26
CA VAL G 34 25.30 -18.40 -7.99
C VAL G 34 25.70 -19.57 -7.10
N THR G 35 26.57 -20.43 -7.59
CA THR G 35 27.04 -21.58 -6.81
C THR G 35 28.51 -21.37 -6.53
N PHE G 36 28.94 -21.69 -5.32
CA PHE G 36 30.34 -21.50 -4.97
C PHE G 36 30.82 -22.49 -3.91
N GLY G 37 32.12 -22.77 -3.94
CA GLY G 37 32.71 -23.69 -2.99
C GLY G 37 34.15 -23.98 -3.37
N ARG G 38 34.79 -24.87 -2.64
CA ARG G 38 36.16 -25.25 -2.97
C ARG G 38 36.10 -25.99 -4.31
N LYS G 39 37.07 -25.71 -5.17
CA LYS G 39 37.13 -26.30 -6.50
C LYS G 39 37.35 -27.81 -6.48
N ASN G 40 38.32 -28.23 -5.68
CA ASN G 40 38.67 -29.64 -5.54
C ASN G 40 37.68 -30.34 -4.59
N ASP G 41 36.41 -29.98 -4.67
CA ASP G 41 35.44 -30.58 -3.76
C ASP G 41 34.00 -30.50 -4.23
N PRO G 42 33.26 -31.64 -4.16
CA PRO G 42 31.86 -31.74 -4.56
C PRO G 42 30.93 -31.58 -3.35
N SER G 43 31.33 -32.12 -2.21
CA SER G 43 30.53 -32.02 -0.99
C SER G 43 30.30 -30.56 -0.59
N ASP G 44 31.32 -29.73 -0.77
CA ASP G 44 31.22 -28.31 -0.43
C ASP G 44 30.74 -27.41 -1.56
N GLU G 45 29.43 -27.17 -1.60
CA GLU G 45 28.86 -26.32 -2.64
C GLU G 45 27.59 -25.60 -2.18
N THR G 46 27.65 -24.28 -2.22
CA THR G 46 26.50 -23.48 -1.81
C THR G 46 25.88 -22.79 -3.02
N THR G 47 24.57 -22.98 -3.18
CA THR G 47 23.86 -22.35 -4.28
C THR G 47 22.90 -21.32 -3.70
N VAL G 48 22.89 -20.14 -4.30
CA VAL G 48 22.04 -19.07 -3.87
C VAL G 48 21.16 -18.65 -5.07
N ASP G 49 19.89 -18.35 -4.82
CA ASP G 49 18.97 -17.96 -5.90
C ASP G 49 18.57 -16.48 -5.86
N LEU G 50 19.12 -15.69 -6.79
CA LEU G 50 18.88 -14.24 -6.84
C LEU G 50 17.96 -13.75 -7.95
N THR G 51 17.53 -12.50 -7.82
CA THR G 51 16.70 -11.87 -8.83
C THR G 51 17.74 -11.30 -9.78
N SER G 52 17.40 -11.12 -11.04
CA SER G 52 18.38 -10.58 -11.98
C SER G 52 18.78 -9.14 -11.64
N SER G 53 18.13 -8.56 -10.64
CA SER G 53 18.45 -7.19 -10.20
C SER G 53 19.80 -7.12 -9.50
N ILE G 54 20.18 -8.22 -8.86
CA ILE G 54 21.42 -8.30 -8.10
C ILE G 54 22.63 -8.69 -8.94
N THR G 55 23.67 -7.87 -8.86
CA THR G 55 24.88 -8.10 -9.64
C THR G 55 26.15 -8.32 -8.80
N SER G 56 26.03 -8.47 -7.49
CA SER G 56 27.22 -8.66 -6.67
C SER G 56 26.97 -9.24 -5.28
N LEU G 57 27.95 -9.99 -4.79
CA LEU G 57 27.89 -10.59 -3.46
C LEU G 57 29.27 -10.48 -2.84
N THR G 58 29.30 -10.44 -1.53
CA THR G 58 30.56 -10.42 -0.82
C THR G 58 30.51 -11.68 -0.01
N LEU G 59 31.45 -12.57 -0.26
CA LEU G 59 31.50 -13.85 0.43
C LEU G 59 32.50 -13.84 1.59
N THR G 60 32.11 -14.45 2.70
CA THR G 60 32.99 -14.54 3.86
C THR G 60 33.04 -16.03 4.21
N ASN G 61 33.73 -16.37 5.28
CA ASN G 61 33.87 -17.76 5.70
C ASN G 61 34.56 -18.59 4.63
N LEU G 62 35.60 -18.02 4.05
CA LEU G 62 36.40 -18.71 3.04
C LEU G 62 37.69 -19.10 3.76
N GLU G 63 38.21 -20.28 3.48
CA GLU G 63 39.45 -20.73 4.11
C GLU G 63 40.63 -20.03 3.46
N PRO G 64 41.65 -19.66 4.25
CA PRO G 64 42.83 -18.99 3.70
C PRO G 64 43.61 -19.90 2.73
N ASN G 65 44.39 -19.29 1.85
CA ASN G 65 45.21 -20.01 0.87
C ASN G 65 44.45 -21.20 0.27
N THR G 66 43.22 -20.97 -0.16
CA THR G 66 42.40 -22.03 -0.71
C THR G 66 41.83 -21.62 -2.05
N THR G 67 41.64 -22.59 -2.93
CA THR G 67 41.14 -22.28 -4.25
C THR G 67 39.63 -22.48 -4.36
N TYR G 68 38.96 -21.46 -4.87
CA TYR G 68 37.51 -21.49 -5.04
C TYR G 68 36.99 -21.36 -6.47
N GLU G 69 35.82 -21.95 -6.71
CA GLU G 69 35.15 -21.90 -8.00
C GLU G 69 33.76 -21.27 -7.85
N ILE G 70 33.41 -20.38 -8.77
CA ILE G 70 32.12 -19.72 -8.76
C ILE G 70 31.47 -19.90 -10.13
N ARG G 71 30.21 -20.28 -10.13
CA ARG G 71 29.47 -20.49 -11.36
C ARG G 71 28.18 -19.71 -11.24
N ILE G 72 27.78 -19.07 -12.33
CA ILE G 72 26.55 -18.30 -12.37
C ILE G 72 25.68 -18.81 -13.52
N VAL G 73 24.42 -19.08 -13.22
CA VAL G 73 23.50 -19.59 -14.22
C VAL G 73 22.22 -18.76 -14.30
N ALA G 74 21.70 -18.61 -15.52
CA ALA G 74 20.48 -17.85 -15.72
C ALA G 74 19.33 -18.82 -15.88
N ARG G 75 18.24 -18.57 -15.17
CA ARG G 75 17.08 -19.44 -15.29
C ARG G 75 15.82 -18.70 -15.72
N ASN G 76 15.15 -19.27 -16.72
CA ASN G 76 13.92 -18.74 -17.28
C ASN G 76 13.02 -19.95 -17.44
N GLY G 77 11.93 -19.98 -16.69
CA GLY G 77 11.06 -21.12 -16.78
C GLY G 77 11.84 -22.30 -16.22
N GLN G 78 11.93 -23.36 -17.01
CA GLN G 78 12.65 -24.54 -16.59
C GLN G 78 13.97 -24.70 -17.34
N GLN G 79 14.34 -23.66 -18.08
CA GLN G 79 15.57 -23.66 -18.86
C GLN G 79 16.72 -23.01 -18.09
N TYR G 80 17.92 -23.54 -18.29
CA TYR G 80 19.11 -23.01 -17.63
C TYR G 80 20.21 -22.77 -18.65
N SER G 81 20.81 -21.59 -18.62
CA SER G 81 21.89 -21.27 -19.53
C SER G 81 23.15 -22.01 -19.08
N PRO G 82 24.11 -22.23 -19.99
CA PRO G 82 25.32 -22.91 -19.54
C PRO G 82 25.92 -21.95 -18.50
N PRO G 83 26.65 -22.49 -17.51
CA PRO G 83 27.21 -21.55 -16.53
C PRO G 83 28.44 -20.79 -17.01
N VAL G 84 28.71 -19.68 -16.34
CA VAL G 84 29.89 -18.89 -16.62
C VAL G 84 30.60 -18.97 -15.28
N SER G 85 31.86 -19.35 -15.28
CA SER G 85 32.56 -19.48 -14.03
C SER G 85 33.94 -18.89 -14.01
N THR G 86 34.52 -18.89 -12.81
CA THR G 86 35.85 -18.38 -12.62
C THR G 86 36.45 -19.06 -11.39
N THR G 87 37.74 -18.85 -11.20
CA THR G 87 38.46 -19.45 -10.09
C THR G 87 39.31 -18.36 -9.46
N PHE G 88 39.55 -18.50 -8.15
CA PHE G 88 40.39 -17.55 -7.44
C PHE G 88 40.91 -18.23 -6.18
N THR G 89 41.94 -17.65 -5.59
CA THR G 89 42.53 -18.22 -4.37
C THR G 89 42.69 -17.14 -3.31
N THR G 90 42.14 -17.39 -2.13
CA THR G 90 42.21 -16.45 -1.02
C THR G 90 43.66 -16.22 -0.62
N GLY G 91 43.95 -15.07 -0.05
CA GLY G 91 45.31 -14.77 0.37
C GLY G 91 45.73 -15.78 1.41
N SER G 92 47.03 -15.85 1.69
CA SER G 92 47.51 -16.80 2.69
C SER G 92 48.26 -16.12 3.84
N LEU G 93 48.46 -16.86 4.92
CA LEU G 93 49.17 -16.37 6.10
C LEU G 93 50.69 -16.48 5.95
N GLU G 94 51.42 -15.63 6.67
CA GLU G 94 52.88 -15.67 6.67
C GLU G 94 53.39 -16.02 8.08
N HIS G 95 52.61 -15.69 9.09
CA HIS G 95 52.96 -16.03 10.45
C HIS G 95 52.23 -17.33 10.78
N HIS G 96 52.71 -18.06 11.78
CA HIS G 96 52.12 -19.35 12.15
C HIS G 96 50.92 -19.28 13.11
N HIS G 97 50.30 -20.43 13.31
CA HIS G 97 49.17 -20.58 14.22
C HIS G 97 49.79 -20.78 15.60
N HIS G 98 48.99 -20.91 16.64
CA HIS G 98 49.53 -21.09 17.98
C HIS G 98 49.66 -22.56 18.39
N HIS G 99 50.03 -22.80 19.66
CA HIS G 99 50.18 -24.15 20.20
C HIS G 99 49.21 -24.50 21.35
N MET H 1 10.83 5.99 -39.07
CA MET H 1 11.56 4.72 -38.82
C MET H 1 10.72 3.77 -37.95
N LEU H 2 9.83 4.35 -37.14
CA LEU H 2 8.98 3.57 -36.26
C LEU H 2 7.84 2.92 -37.05
N GLN H 3 7.56 1.66 -36.74
CA GLN H 3 6.50 0.92 -37.41
C GLN H 3 5.12 1.42 -37.01
N PRO H 4 4.27 1.73 -38.00
CA PRO H 4 2.91 2.23 -37.79
C PRO H 4 1.87 1.19 -37.37
N PRO H 5 0.72 1.65 -36.85
CA PRO H 5 -0.32 0.71 -36.45
C PRO H 5 -0.82 0.17 -37.78
N PHE H 6 -1.52 -0.95 -37.78
CA PHE H 6 -1.98 -1.46 -39.06
C PHE H 6 -3.33 -2.11 -38.95
N ASN H 7 -3.88 -2.49 -40.11
CA ASN H 7 -5.16 -3.14 -40.16
C ASN H 7 -6.25 -2.34 -39.44
N ILE H 8 -6.46 -1.11 -39.87
CA ILE H 8 -7.49 -0.30 -39.24
C ILE H 8 -8.84 -0.70 -39.86
N LYS H 9 -9.86 -0.79 -39.02
CA LYS H 9 -11.19 -1.16 -39.47
C LYS H 9 -12.26 -0.34 -38.78
N VAL H 10 -13.31 0.00 -39.51
CA VAL H 10 -14.41 0.77 -38.95
C VAL H 10 -15.68 -0.08 -39.11
N THR H 11 -16.35 -0.37 -38.01
CA THR H 11 -17.55 -1.19 -38.07
C THR H 11 -18.76 -0.57 -37.39
N ASN H 12 -19.86 -1.33 -37.35
CA ASN H 12 -21.11 -0.91 -36.74
C ASN H 12 -21.42 0.56 -36.96
N ILE H 13 -21.26 1.01 -38.20
CA ILE H 13 -21.55 2.39 -38.56
C ILE H 13 -23.07 2.59 -38.60
N THR H 14 -23.53 3.62 -37.90
CA THR H 14 -24.94 3.95 -37.87
C THR H 14 -25.10 5.39 -38.35
N LEU H 15 -26.24 5.99 -38.04
CA LEU H 15 -26.46 7.37 -38.44
C LEU H 15 -25.47 8.28 -37.74
N THR H 16 -25.15 7.93 -36.48
CA THR H 16 -24.28 8.79 -35.69
C THR H 16 -23.16 8.14 -34.90
N THR H 17 -22.90 6.86 -35.12
CA THR H 17 -21.84 6.19 -34.38
C THR H 17 -21.02 5.31 -35.29
N ALA H 18 -19.81 4.99 -34.84
CA ALA H 18 -18.92 4.12 -35.59
C ALA H 18 -17.93 3.50 -34.62
N VAL H 19 -17.52 2.27 -34.88
CA VAL H 19 -16.56 1.60 -34.03
C VAL H 19 -15.25 1.53 -34.80
N VAL H 20 -14.16 1.94 -34.17
CA VAL H 20 -12.86 1.89 -34.80
C VAL H 20 -11.98 0.87 -34.08
N THR H 21 -11.25 0.07 -34.85
CA THR H 21 -10.36 -0.95 -34.29
C THR H 21 -9.06 -0.98 -35.11
N TRP H 22 -7.97 -1.38 -34.48
CA TRP H 22 -6.68 -1.44 -35.15
C TRP H 22 -5.76 -2.34 -34.31
N GLN H 23 -4.54 -2.55 -34.79
CA GLN H 23 -3.56 -3.36 -34.05
C GLN H 23 -2.30 -2.54 -33.90
N PRO H 24 -1.63 -2.63 -32.75
CA PRO H 24 -0.40 -1.88 -32.52
C PRO H 24 0.76 -2.46 -33.33
N PRO H 25 1.88 -1.73 -33.41
CA PRO H 25 3.03 -2.25 -34.17
C PRO H 25 3.63 -3.42 -33.40
N ILE H 26 4.60 -4.08 -34.01
CA ILE H 26 5.26 -5.22 -33.39
C ILE H 26 5.96 -4.84 -32.08
N LEU H 27 6.87 -3.88 -32.17
CA LEU H 27 7.64 -3.43 -31.02
C LEU H 27 6.80 -2.58 -30.05
N PRO H 28 7.25 -2.46 -28.79
CA PRO H 28 6.59 -1.70 -27.73
C PRO H 28 6.60 -0.20 -27.97
N ILE H 29 5.52 0.47 -27.59
CA ILE H 29 5.43 1.92 -27.77
C ILE H 29 4.82 2.60 -26.56
N GLU H 30 4.99 3.92 -26.47
CA GLU H 30 4.47 4.68 -25.34
C GLU H 30 3.00 5.03 -25.52
N GLY H 31 2.62 5.32 -26.75
CA GLY H 31 1.23 5.68 -26.96
C GLY H 31 0.80 5.67 -28.40
N ILE H 32 -0.52 5.73 -28.58
CA ILE H 32 -1.10 5.75 -29.90
C ILE H 32 -2.04 6.92 -30.01
N LEU H 33 -1.82 7.74 -31.02
CA LEU H 33 -2.65 8.90 -31.28
C LEU H 33 -3.73 8.57 -32.30
N VAL H 34 -4.98 8.89 -31.96
CA VAL H 34 -6.08 8.65 -32.87
C VAL H 34 -6.70 10.00 -33.19
N THR H 35 -6.68 10.36 -34.48
CA THR H 35 -7.23 11.63 -34.95
C THR H 35 -8.43 11.38 -35.84
N PHE H 36 -9.56 11.99 -35.49
CA PHE H 36 -10.77 11.82 -36.28
C PHE H 36 -11.50 13.14 -36.49
N GLY H 37 -12.34 13.18 -37.52
CA GLY H 37 -13.10 14.38 -37.80
C GLY H 37 -13.54 14.42 -39.25
N ARG H 38 -14.46 15.33 -39.56
CA ARG H 38 -14.96 15.46 -40.92
C ARG H 38 -13.83 15.40 -41.94
N LYS H 39 -14.03 14.58 -42.98
CA LYS H 39 -13.05 14.43 -44.03
C LYS H 39 -12.62 15.78 -44.60
N ASN H 40 -11.30 15.96 -44.73
CA ASN H 40 -10.73 17.19 -45.25
C ASN H 40 -11.26 18.50 -44.66
N ASP H 41 -11.37 18.54 -43.34
CA ASP H 41 -11.83 19.75 -42.66
C ASP H 41 -10.85 19.96 -41.53
N PRO H 42 -9.68 20.55 -41.86
CA PRO H 42 -8.59 20.84 -40.92
C PRO H 42 -9.07 21.47 -39.62
N SER H 43 -10.22 22.15 -39.68
CA SER H 43 -10.80 22.81 -38.52
C SER H 43 -11.36 21.80 -37.53
N ASP H 44 -12.13 20.85 -38.06
CA ASP H 44 -12.79 19.82 -37.28
C ASP H 44 -11.99 18.54 -37.05
N GLU H 45 -10.83 18.66 -36.42
CA GLU H 45 -10.02 17.49 -36.14
C GLU H 45 -9.78 17.30 -34.65
N THR H 46 -10.18 16.15 -34.12
CA THR H 46 -9.99 15.83 -32.71
C THR H 46 -8.91 14.76 -32.59
N THR H 47 -8.05 14.92 -31.59
CA THR H 47 -6.97 13.96 -31.35
C THR H 47 -7.01 13.43 -29.93
N VAL H 48 -6.77 12.13 -29.79
CA VAL H 48 -6.77 11.51 -28.48
C VAL H 48 -5.47 10.74 -28.26
N ASP H 49 -4.85 10.91 -27.11
CA ASP H 49 -3.59 10.23 -26.79
C ASP H 49 -3.89 9.00 -25.95
N LEU H 50 -3.60 7.82 -26.49
CA LEU H 50 -3.91 6.58 -25.79
C LEU H 50 -2.71 5.73 -25.45
N THR H 51 -2.97 4.72 -24.62
CA THR H 51 -1.93 3.76 -24.24
C THR H 51 -2.02 2.67 -25.31
N SER H 52 -0.89 2.17 -25.76
CA SER H 52 -0.87 1.14 -26.79
C SER H 52 -1.68 -0.10 -26.42
N SER H 53 -2.08 -0.23 -25.17
CA SER H 53 -2.86 -1.41 -24.79
C SER H 53 -4.35 -1.27 -25.11
N ILE H 54 -4.74 -0.15 -25.72
CA ILE H 54 -6.14 0.04 -26.12
C ILE H 54 -6.20 -0.18 -27.63
N THR H 55 -7.22 -0.88 -28.11
CA THR H 55 -7.30 -1.16 -29.54
C THR H 55 -8.62 -0.81 -30.21
N SER H 56 -9.51 -0.11 -29.51
CA SER H 56 -10.80 0.22 -30.11
C SER H 56 -11.54 1.34 -29.38
N LEU H 57 -12.25 2.15 -30.14
CA LEU H 57 -13.04 3.24 -29.60
C LEU H 57 -14.36 3.23 -30.32
N THR H 58 -15.40 3.73 -29.65
CA THR H 58 -16.70 3.83 -30.28
C THR H 58 -16.96 5.32 -30.27
N LEU H 59 -17.21 5.91 -31.44
CA LEU H 59 -17.47 7.33 -31.53
C LEU H 59 -18.97 7.56 -31.60
N THR H 60 -19.44 8.61 -30.94
CA THR H 60 -20.86 8.94 -30.96
C THR H 60 -20.97 10.39 -31.35
N ASN H 61 -22.20 10.90 -31.41
CA ASN H 61 -22.43 12.28 -31.79
C ASN H 61 -21.84 12.65 -33.16
N LEU H 62 -21.74 11.65 -34.04
CA LEU H 62 -21.24 11.91 -35.38
C LEU H 62 -22.46 12.43 -36.14
N GLU H 63 -22.23 13.34 -37.08
CA GLU H 63 -23.34 13.89 -37.85
C GLU H 63 -23.76 12.94 -38.99
N PRO H 64 -25.07 12.69 -39.14
CA PRO H 64 -25.61 11.80 -40.18
C PRO H 64 -25.14 12.13 -41.60
N ASN H 65 -25.08 11.09 -42.43
CA ASN H 65 -24.66 11.22 -43.82
C ASN H 65 -23.43 12.13 -43.97
N THR H 66 -22.35 11.78 -43.28
CA THR H 66 -21.14 12.59 -43.35
C THR H 66 -19.91 11.70 -43.49
N THR H 67 -18.91 12.21 -44.21
CA THR H 67 -17.66 11.48 -44.43
C THR H 67 -16.63 11.85 -43.38
N TYR H 68 -16.03 10.84 -42.77
CA TYR H 68 -15.05 11.05 -41.72
C TYR H 68 -13.71 10.38 -42.00
N GLU H 69 -12.62 11.03 -41.62
CA GLU H 69 -11.33 10.41 -41.79
C GLU H 69 -10.76 10.12 -40.40
N ILE H 70 -10.02 9.03 -40.31
CA ILE H 70 -9.39 8.61 -39.06
C ILE H 70 -7.93 8.26 -39.35
N ARG H 71 -7.01 8.85 -38.59
CA ARG H 71 -5.59 8.56 -38.78
C ARG H 71 -5.06 8.06 -37.45
N ILE H 72 -4.25 7.01 -37.48
CA ILE H 72 -3.71 6.49 -36.25
C ILE H 72 -2.19 6.43 -36.31
N VAL H 73 -1.56 7.12 -35.36
CA VAL H 73 -0.10 7.20 -35.29
C VAL H 73 0.41 6.57 -34.02
N ALA H 74 1.61 5.98 -34.10
CA ALA H 74 2.21 5.38 -32.93
C ALA H 74 3.39 6.26 -32.54
N ARG H 75 3.45 6.64 -31.27
CA ARG H 75 4.55 7.48 -30.82
C ARG H 75 5.41 6.74 -29.83
N ASN H 76 6.69 7.08 -29.83
CA ASN H 76 7.63 6.49 -28.93
C ASN H 76 8.72 7.51 -28.68
N GLY H 77 8.43 8.46 -27.79
CA GLY H 77 9.40 9.50 -27.48
C GLY H 77 9.44 10.61 -28.50
N GLN H 78 10.62 10.86 -29.06
CA GLN H 78 10.82 11.91 -30.06
C GLN H 78 10.37 11.46 -31.45
N GLN H 79 9.69 10.33 -31.55
CA GLN H 79 9.27 9.87 -32.87
C GLN H 79 7.81 9.48 -33.04
N TYR H 80 7.31 9.75 -34.24
CA TYR H 80 5.95 9.41 -34.61
C TYR H 80 6.05 8.60 -35.88
N SER H 81 5.28 7.54 -35.95
CA SER H 81 5.28 6.67 -37.12
C SER H 81 4.41 7.30 -38.18
N PRO H 82 4.60 6.92 -39.44
CA PRO H 82 3.74 7.51 -40.48
C PRO H 82 2.34 7.03 -40.11
N PRO H 83 1.30 7.72 -40.57
CA PRO H 83 -0.03 7.24 -40.19
C PRO H 83 -0.64 6.18 -41.08
N VAL H 84 -1.64 5.50 -40.53
CA VAL H 84 -2.43 4.51 -41.24
C VAL H 84 -3.82 5.10 -41.08
N SER H 85 -4.53 5.28 -42.18
CA SER H 85 -5.85 5.87 -42.07
C SER H 85 -6.90 5.16 -42.88
N THR H 86 -8.12 5.68 -42.78
CA THR H 86 -9.26 5.12 -43.49
C THR H 86 -10.32 6.19 -43.52
N THR H 87 -11.29 6.01 -44.42
CA THR H 87 -12.39 6.95 -44.57
C THR H 87 -13.71 6.19 -44.50
N PHE H 88 -14.74 6.79 -43.88
CA PHE H 88 -16.04 6.13 -43.77
C PHE H 88 -17.15 7.18 -43.72
N THR H 89 -18.36 6.79 -44.14
CA THR H 89 -19.49 7.70 -44.13
C THR H 89 -20.62 7.15 -43.29
N THR H 90 -21.18 8.01 -42.44
CA THR H 90 -22.28 7.61 -41.56
C THR H 90 -23.57 7.39 -42.35
N GLY H 91 -24.43 6.52 -41.83
CA GLY H 91 -25.68 6.24 -42.50
C GLY H 91 -26.46 7.53 -42.69
N SER H 92 -27.55 7.46 -43.46
CA SER H 92 -28.36 8.64 -43.70
C SER H 92 -29.84 8.37 -43.49
N LEU H 93 -30.59 9.45 -43.27
CA LEU H 93 -32.03 9.33 -43.08
C LEU H 93 -32.56 8.87 -44.43
N GLU H 94 -31.74 9.10 -45.47
CA GLU H 94 -32.01 8.73 -46.85
C GLU H 94 -33.45 8.92 -47.32
#